data_4YE5
#
_entry.id   4YE5
#
_cell.length_a   85.956
_cell.length_b   85.709
_cell.length_c   227.476
_cell.angle_alpha   90.00
_cell.angle_beta   90.00
_cell.angle_gamma   90.00
#
_symmetry.space_group_name_H-M   'P 21 21 21'
#
loop_
_entity.id
_entity.type
_entity.pdbx_description
1 polymer 'Peptidoglycan synthetase penicillin-binding protein 3'
2 non-polymer GLYCEROL
3 non-polymer 'ACETATE ION'
4 water water
#
_entity_poly.entity_id   1
_entity_poly.type   'polypeptide(L)'
_entity_poly.pdbx_seq_one_letter_code
;SNAANIQLVNGKG(MSE)AQAAAQSRTTTVTLKARRGKI(MSE)DTNGAILAQSVERYTIIGNPEQAQAFIPTTCTKQTG
SNCHQINGKPVGVTGAAAVARLLAPVLG(MSE)DATELGAKLSISGQYVVLKKDVTPAVKRKISKLNLGGIVYAELSNER
LYSNGTL(MSE)GSLLGGVDADGKGVAGIEQ(MSE)ENKTLTGRDGYQVYQQGNSGVEIPGT(MSE)TESKDAVNGSDVT
LTIDRDVQWYTEKVLSDSENKYHSAWGIA(MSE)VQDVQSGDILALADSDTTEAGSDQAK(MSE)GASRAVSETFEPGSI
GKVLA(MSE)SG(MSE)LQLGLHKIDDKFTVPNTVTVEGQTYKDAVDHGNEHWTLAGILEQSSNVG(MSE)VIAGDK
(MSE)TNEQRYNFISKFGIGQATGLNLPGESEGVLHPSDSWDRRTRNTVLFGQGYTVNV(MSE)QLTNAISVIANKGVKK
PQRIIKSITDTAGHVEEQQSKGEATRVIDESVASQ(MSE)LNA(MSE)ESSAEHYNTFVKVDGYR(MSE)AAKSGTAEVA
GANGQLTSIISDYSTIIPADNPRFVITVVLKDPQGSFGGLTAGPVTAEIGEFL(MSE)QKYEVPASSPRTDAIPVNW
;
_entity_poly.pdbx_strand_id   A,B
#
# COMPACT_ATOMS: atom_id res chain seq x y z
N SER A 21 13.98 3.33 -62.06
CA SER A 21 15.29 3.85 -61.65
C SER A 21 15.56 3.63 -60.17
N ARG A 22 16.65 4.23 -59.68
CA ARG A 22 17.07 4.10 -58.29
C ARG A 22 16.01 4.64 -57.30
N THR A 23 15.73 3.86 -56.27
CA THR A 23 14.73 4.21 -55.27
C THR A 23 15.19 3.79 -53.87
N THR A 24 14.70 4.51 -52.87
CA THR A 24 15.15 4.32 -51.50
C THR A 24 13.97 4.35 -50.55
N THR A 25 13.85 3.32 -49.71
CA THR A 25 12.77 3.29 -48.74
C THR A 25 13.29 3.46 -47.33
N VAL A 26 12.68 4.39 -46.60
CA VAL A 26 13.07 4.65 -45.22
C VAL A 26 11.96 4.17 -44.32
N THR A 27 12.30 3.34 -43.35
CA THR A 27 11.32 2.86 -42.36
C THR A 27 11.07 3.89 -41.27
N LEU A 28 9.79 4.19 -41.03
CA LEU A 28 9.42 5.02 -39.90
C LEU A 28 8.96 4.07 -38.80
N LYS A 29 9.83 3.78 -37.83
CA LYS A 29 9.50 2.76 -36.83
C LYS A 29 8.45 3.26 -35.84
N ALA A 30 7.39 2.46 -35.63
CA ALA A 30 6.41 2.76 -34.60
C ALA A 30 7.05 2.71 -33.21
N ARG A 31 6.65 3.62 -32.33
CA ARG A 31 7.14 3.60 -30.94
C ARG A 31 6.29 2.64 -30.10
N ARG A 32 6.97 1.89 -29.24
CA ARG A 32 6.29 0.89 -28.43
C ARG A 32 5.38 1.51 -27.37
N GLY A 33 4.18 0.97 -27.21
CA GLY A 33 3.27 1.43 -26.19
C GLY A 33 3.71 1.09 -24.77
N LYS A 34 3.04 1.69 -23.79
CA LYS A 34 3.36 1.46 -22.39
C LYS A 34 2.57 0.29 -21.81
N ILE A 35 3.08 -0.23 -20.70
CA ILE A 35 2.31 -1.14 -19.86
C ILE A 35 2.08 -0.42 -18.54
N ASP A 37 -0.32 -0.35 -14.63
CA ASP A 37 -1.12 -1.17 -13.71
C ASP A 37 -2.56 -0.67 -13.77
N THR A 38 -3.42 -1.28 -12.98
CA THR A 38 -4.85 -1.00 -12.99
C THR A 38 -5.20 0.49 -12.76
N ASN A 39 -4.31 1.23 -12.10
CA ASN A 39 -4.56 2.65 -11.82
C ASN A 39 -3.80 3.60 -12.73
N GLY A 40 -3.16 3.08 -13.76
CA GLY A 40 -2.47 3.96 -14.71
C GLY A 40 -1.01 4.16 -14.36
N ALA A 41 -0.53 3.53 -13.29
CA ALA A 41 0.87 3.66 -12.93
C ALA A 41 1.71 2.96 -14.00
N ILE A 42 2.72 3.64 -14.51
CA ILE A 42 3.52 3.10 -15.61
C ILE A 42 4.46 1.99 -15.14
N LEU A 43 4.44 0.85 -15.85
CA LEU A 43 5.25 -0.31 -15.47
C LEU A 43 6.34 -0.60 -16.50
N ALA A 44 6.09 -0.23 -17.75
CA ALA A 44 7.05 -0.43 -18.84
C ALA A 44 6.89 0.70 -19.82
N GLN A 45 8.00 1.27 -20.25
CA GLN A 45 7.95 2.26 -21.33
C GLN A 45 9.27 2.42 -22.04
N SER A 46 9.19 2.80 -23.32
CA SER A 46 10.36 2.92 -24.15
C SER A 46 10.89 4.37 -24.17
N VAL A 47 12.20 4.51 -24.34
CA VAL A 47 12.85 5.81 -24.42
C VAL A 47 12.94 6.21 -25.89
N GLU A 48 12.35 7.35 -26.24
CA GLU A 48 12.44 7.84 -27.61
C GLU A 48 13.76 8.54 -27.88
N ARG A 49 14.73 7.80 -28.40
CA ARG A 49 16.00 8.35 -28.87
C ARG A 49 16.28 7.76 -30.26
N TYR A 50 17.24 8.33 -30.98
CA TYR A 50 17.48 7.94 -32.36
C TYR A 50 18.94 7.77 -32.69
N THR A 51 19.24 6.85 -33.59
CA THR A 51 20.56 6.85 -34.22
C THR A 51 20.42 7.51 -35.58
N ILE A 52 21.26 8.50 -35.87
CA ILE A 52 21.22 9.18 -37.15
C ILE A 52 22.17 8.49 -38.12
N ILE A 53 21.61 8.03 -39.25
CA ILE A 53 22.35 7.26 -40.23
C ILE A 53 22.53 8.05 -41.51
N GLY A 54 23.73 7.99 -42.09
CA GLY A 54 23.95 8.53 -43.42
C GLY A 54 24.17 7.43 -44.46
N ASN A 55 23.81 7.73 -45.71
CA ASN A 55 24.08 6.88 -46.86
C ASN A 55 25.18 7.54 -47.71
N PRO A 56 26.43 7.09 -47.53
CA PRO A 56 27.58 7.73 -48.17
C PRO A 56 27.46 7.89 -49.69
N GLU A 57 27.02 6.85 -50.38
CA GLU A 57 26.98 6.97 -51.84
C GLU A 57 25.87 7.92 -52.33
N GLN A 58 24.74 7.95 -51.62
CA GLN A 58 23.71 8.95 -51.92
C GLN A 58 24.18 10.35 -51.56
N ALA A 59 24.92 10.48 -50.45
CA ALA A 59 25.47 11.79 -50.08
C ALA A 59 26.42 12.30 -51.17
N GLN A 60 27.22 11.39 -51.72
CA GLN A 60 28.21 11.77 -52.73
C GLN A 60 27.55 12.22 -54.02
N ALA A 61 26.38 11.66 -54.33
CA ALA A 61 25.60 12.07 -55.49
C ALA A 61 24.81 13.38 -55.27
N PHE A 62 24.77 13.85 -54.02
CA PHE A 62 23.92 15.00 -53.66
C PHE A 62 24.35 16.31 -54.32
N ILE A 63 23.38 17.02 -54.91
CA ILE A 63 23.62 18.37 -55.40
C ILE A 63 22.59 19.31 -54.77
N PRO A 64 23.04 20.26 -53.94
CA PRO A 64 22.08 21.11 -53.22
C PRO A 64 21.36 22.08 -54.18
N THR A 65 20.09 22.32 -53.87
CA THR A 65 19.24 23.21 -54.66
C THR A 65 19.36 24.65 -54.16
N THR A 66 19.61 25.56 -55.09
CA THR A 66 19.74 26.98 -54.78
C THR A 66 18.35 27.58 -54.54
N CYS A 67 18.22 28.33 -53.44
CA CYS A 67 16.95 28.99 -53.14
C CYS A 67 16.70 30.13 -54.12
N THR A 68 15.53 30.17 -54.71
CA THR A 68 15.20 31.20 -55.70
C THR A 68 13.74 31.49 -55.50
N LYS A 69 13.16 32.38 -56.30
CA LYS A 69 11.73 32.61 -56.13
C LYS A 69 10.94 31.42 -56.63
N GLN A 70 11.57 30.56 -57.44
CA GLN A 70 10.88 29.37 -57.95
C GLN A 70 10.80 28.20 -56.97
N THR A 71 11.79 28.11 -56.08
CA THR A 71 11.85 26.97 -55.16
C THR A 71 11.10 27.19 -53.84
N GLY A 72 10.84 28.44 -53.51
CA GLY A 72 10.35 28.74 -52.17
C GLY A 72 11.35 28.18 -51.16
N SER A 73 10.88 27.32 -50.27
CA SER A 73 11.71 26.77 -49.22
C SER A 73 12.13 25.35 -49.59
N ASN A 74 11.80 24.95 -50.83
CA ASN A 74 12.20 23.63 -51.31
C ASN A 74 13.61 23.69 -51.89
N CYS A 75 14.57 23.91 -51.00
CA CYS A 75 15.94 24.21 -51.42
C CYS A 75 16.87 24.05 -50.23
N HIS A 76 18.15 24.31 -50.46
CA HIS A 76 19.12 24.14 -49.40
C HIS A 76 19.87 25.45 -49.23
N GLN A 77 20.02 25.86 -47.98
CA GLN A 77 20.75 27.08 -47.67
C GLN A 77 21.39 27.02 -46.28
N ILE A 78 22.44 27.79 -46.09
CA ILE A 78 23.05 27.94 -44.78
C ILE A 78 23.22 29.44 -44.55
N ASN A 79 22.62 29.93 -43.47
CA ASN A 79 22.65 31.35 -43.16
C ASN A 79 22.15 32.18 -44.33
N GLY A 80 21.12 31.68 -45.03
CA GLY A 80 20.49 32.40 -46.10
C GLY A 80 21.24 32.45 -47.43
N LYS A 81 22.23 31.59 -47.59
CA LYS A 81 23.06 31.56 -48.81
C LYS A 81 23.21 30.12 -49.30
N PRO A 82 23.51 29.93 -50.60
CA PRO A 82 23.69 28.57 -51.13
C PRO A 82 24.80 27.81 -50.42
N VAL A 83 24.69 26.49 -50.43
CA VAL A 83 25.62 25.63 -49.69
C VAL A 83 27.04 25.80 -50.26
N GLY A 84 27.15 25.89 -51.59
CA GLY A 84 28.41 26.26 -52.23
C GLY A 84 29.34 25.11 -52.62
N VAL A 85 29.05 23.91 -52.14
CA VAL A 85 29.80 22.71 -52.53
C VAL A 85 28.79 21.64 -52.85
N THR A 86 29.26 20.45 -53.24
CA THR A 86 28.37 19.33 -53.57
C THR A 86 28.77 18.09 -52.80
N GLY A 87 27.96 17.05 -52.93
CA GLY A 87 28.30 15.74 -52.40
C GLY A 87 28.42 15.68 -50.89
N ALA A 88 29.34 14.83 -50.41
CA ALA A 88 29.55 14.63 -48.97
C ALA A 88 29.81 15.93 -48.26
N ALA A 89 30.59 16.78 -48.93
CA ALA A 89 30.93 18.08 -48.37
C ALA A 89 29.65 18.89 -48.13
N ALA A 90 28.73 18.87 -49.09
CA ALA A 90 27.48 19.64 -48.93
C ALA A 90 26.59 19.06 -47.81
N VAL A 91 26.45 17.74 -47.78
CA VAL A 91 25.65 17.11 -46.73
C VAL A 91 26.26 17.41 -45.37
N ALA A 92 27.59 17.33 -45.28
CA ALA A 92 28.26 17.55 -44.00
C ALA A 92 28.03 18.97 -43.48
N ARG A 93 28.12 19.96 -44.36
CA ARG A 93 27.92 21.35 -43.99
C ARG A 93 26.52 21.62 -43.48
N LEU A 94 25.54 21.00 -44.13
CA LEU A 94 24.15 21.15 -43.69
C LEU A 94 23.94 20.50 -42.33
N LEU A 95 24.56 19.35 -42.13
CA LEU A 95 24.33 18.55 -40.93
C LEU A 95 25.07 19.06 -39.71
N ALA A 96 26.28 19.57 -39.94
CA ALA A 96 27.21 19.90 -38.85
C ALA A 96 26.61 20.73 -37.70
N PRO A 97 25.96 21.88 -38.01
CA PRO A 97 25.40 22.65 -36.90
C PRO A 97 24.23 21.99 -36.20
N VAL A 98 23.51 21.11 -36.91
CA VAL A 98 22.37 20.45 -36.28
C VAL A 98 22.83 19.38 -35.32
N LEU A 99 23.85 18.62 -35.72
CA LEU A 99 24.36 17.53 -34.89
C LEU A 99 25.42 17.99 -33.87
N GLY A 100 25.81 19.25 -33.97
CA GLY A 100 26.89 19.79 -33.14
C GLY A 100 28.18 19.03 -33.38
N ASP A 102 31.74 18.33 -36.19
CA ASP A 102 32.63 19.00 -37.12
C ASP A 102 32.38 18.56 -38.57
N ALA A 103 32.29 19.54 -39.47
CA ALA A 103 31.93 19.28 -40.86
C ALA A 103 32.95 18.39 -41.56
N THR A 104 34.22 18.59 -41.24
CA THR A 104 35.29 17.79 -41.82
C THR A 104 35.10 16.32 -41.46
N GLU A 105 34.84 16.05 -40.19
CA GLU A 105 34.62 14.69 -39.75
C GLU A 105 33.38 14.04 -40.40
N LEU A 106 32.28 14.79 -40.46
CA LEU A 106 31.09 14.28 -41.11
C LEU A 106 31.37 14.00 -42.59
N GLY A 107 32.09 14.91 -43.23
CA GLY A 107 32.41 14.76 -44.64
C GLY A 107 33.21 13.51 -44.93
N ALA A 108 34.10 13.17 -43.99
CA ALA A 108 34.92 11.96 -44.10
C ALA A 108 34.07 10.69 -43.93
N LYS A 109 33.18 10.70 -42.95
CA LYS A 109 32.29 9.56 -42.78
C LYS A 109 31.40 9.34 -44.01
N LEU A 110 31.04 10.42 -44.70
CA LEU A 110 30.13 10.32 -45.85
C LEU A 110 30.90 10.07 -47.15
N SER A 111 32.22 10.07 -47.04
CA SER A 111 33.08 9.90 -48.21
C SER A 111 33.56 8.46 -48.34
N ILE A 112 33.11 7.59 -47.44
CA ILE A 112 33.44 6.15 -47.54
C ILE A 112 32.57 5.45 -48.57
N SER A 113 32.77 4.14 -48.70
CA SER A 113 32.01 3.36 -49.66
C SER A 113 30.84 2.70 -48.97
N GLY A 114 29.81 2.36 -49.74
CA GLY A 114 28.65 1.69 -49.17
C GLY A 114 27.46 2.62 -49.02
N GLN A 115 26.39 2.08 -48.44
CA GLN A 115 25.14 2.79 -48.34
C GLN A 115 24.78 3.06 -46.90
N TYR A 116 25.74 2.87 -46.00
CA TYR A 116 25.45 2.93 -44.57
C TYR A 116 26.62 3.44 -43.73
N VAL A 117 26.33 4.37 -42.84
CA VAL A 117 27.32 4.86 -41.85
C VAL A 117 26.59 5.52 -40.68
N VAL A 118 27.00 5.20 -39.46
CA VAL A 118 26.44 5.89 -38.30
C VAL A 118 27.05 7.27 -38.20
N LEU A 119 26.22 8.29 -38.06
CA LEU A 119 26.72 9.66 -37.96
C LEU A 119 26.69 10.11 -36.51
N LYS A 120 25.65 9.72 -35.80
CA LYS A 120 25.54 10.04 -34.37
C LYS A 120 24.51 9.15 -33.68
N LYS A 121 24.88 8.69 -32.48
CA LYS A 121 24.00 7.83 -31.68
C LYS A 121 23.28 8.67 -30.65
N ASP A 122 22.16 8.16 -30.15
CA ASP A 122 21.49 8.72 -28.97
C ASP A 122 21.08 10.21 -29.11
N VAL A 123 20.54 10.59 -30.26
CA VAL A 123 20.06 11.96 -30.42
C VAL A 123 18.57 12.07 -30.03
N THR A 124 18.17 13.28 -29.69
CA THR A 124 16.80 13.53 -29.21
C THR A 124 15.80 13.66 -30.34
N PRO A 125 14.52 13.47 -30.02
CA PRO A 125 13.44 13.71 -30.99
C PRO A 125 13.51 15.10 -31.60
N ALA A 126 13.87 16.11 -30.82
CA ALA A 126 13.96 17.49 -31.32
C ALA A 126 15.01 17.61 -32.42
N VAL A 127 16.17 17.00 -32.19
CA VAL A 127 17.23 17.02 -33.19
C VAL A 127 16.79 16.26 -34.45
N LYS A 128 16.18 15.09 -34.26
CA LYS A 128 15.62 14.30 -35.37
C LYS A 128 14.69 15.15 -36.23
N ARG A 129 13.80 15.92 -35.60
CA ARG A 129 12.94 16.83 -36.33
C ARG A 129 13.72 17.91 -37.09
N LYS A 130 14.74 18.48 -36.45
CA LYS A 130 15.55 19.47 -37.15
C LYS A 130 16.23 18.88 -38.39
N ILE A 131 16.68 17.64 -38.30
CA ILE A 131 17.36 17.01 -39.44
C ILE A 131 16.37 16.89 -40.59
N SER A 132 15.11 16.58 -40.26
N SER A 132 15.12 16.56 -40.28
CA SER A 132 14.08 16.37 -41.27
CA SER A 132 14.10 16.39 -41.32
C SER A 132 13.75 17.65 -42.03
C SER A 132 13.90 17.66 -42.12
N LYS A 133 14.12 18.80 -41.47
CA LYS A 133 13.95 20.08 -42.14
C LYS A 133 15.11 20.44 -43.08
N LEU A 134 16.19 19.66 -43.03
CA LEU A 134 17.34 19.97 -43.90
C LEU A 134 17.12 19.55 -45.35
N ASN A 135 15.99 18.90 -45.63
CA ASN A 135 15.65 18.44 -47.00
C ASN A 135 16.71 17.50 -47.58
N LEU A 136 17.16 16.57 -46.74
CA LEU A 136 18.09 15.49 -47.06
C LEU A 136 17.45 14.11 -46.90
N GLY A 137 16.16 13.97 -47.21
CA GLY A 137 15.52 12.67 -46.99
C GLY A 137 16.04 11.67 -48.00
N GLY A 138 16.19 10.42 -47.58
CA GLY A 138 16.87 9.45 -48.39
C GLY A 138 18.31 9.38 -47.96
N ILE A 139 18.98 10.53 -47.86
CA ILE A 139 20.43 10.54 -47.61
C ILE A 139 20.74 10.35 -46.13
N VAL A 140 19.97 11.03 -45.29
CA VAL A 140 20.14 10.90 -43.85
C VAL A 140 18.78 10.47 -43.28
N TYR A 141 18.81 9.52 -42.34
CA TYR A 141 17.57 9.12 -41.67
C TYR A 141 17.82 8.72 -40.22
N ALA A 142 16.73 8.64 -39.48
CA ALA A 142 16.77 8.37 -38.06
C ALA A 142 16.31 6.94 -37.76
N GLU A 143 17.08 6.21 -36.96
CA GLU A 143 16.65 4.89 -36.51
C GLU A 143 16.28 4.93 -35.02
N LEU A 144 15.01 4.68 -34.72
CA LEU A 144 14.49 4.72 -33.36
C LEU A 144 15.12 3.64 -32.48
N SER A 145 15.62 4.03 -31.31
CA SER A 145 16.28 3.08 -30.41
C SER A 145 15.20 2.30 -29.67
N ASN A 146 15.58 1.15 -29.11
CA ASN A 146 14.55 0.29 -28.48
C ASN A 146 14.72 0.06 -27.00
N GLU A 147 15.45 0.95 -26.35
CA GLU A 147 15.62 0.86 -24.90
C GLU A 147 14.25 0.80 -24.19
N ARG A 148 14.09 -0.16 -23.30
CA ARG A 148 12.82 -0.37 -22.57
C ARG A 148 13.10 -0.26 -21.07
N LEU A 149 12.40 0.63 -20.38
CA LEU A 149 12.62 0.83 -18.96
C LEU A 149 11.42 0.36 -18.14
N TYR A 150 11.72 -0.22 -16.98
CA TYR A 150 10.70 -0.73 -16.09
C TYR A 150 10.89 -0.05 -14.75
N SER A 151 10.09 0.98 -14.46
CA SER A 151 10.36 1.85 -13.32
C SER A 151 10.28 1.15 -11.97
N ASN A 152 9.56 0.04 -11.87
CA ASN A 152 9.48 -0.67 -10.58
C ASN A 152 10.55 -1.76 -10.39
N GLY A 153 11.53 -1.86 -11.29
CA GLY A 153 12.65 -2.79 -11.12
C GLY A 153 12.25 -4.26 -11.10
N THR A 154 12.38 -4.89 -9.94
CA THR A 154 12.07 -6.32 -9.77
C THR A 154 10.59 -6.64 -9.62
N LEU A 155 9.75 -5.63 -9.37
CA LEU A 155 8.32 -5.88 -9.18
C LEU A 155 7.75 -6.66 -10.36
N GLY A 157 8.74 -8.95 -12.16
CA GLY A 157 9.71 -8.87 -13.26
C GLY A 157 9.49 -9.92 -14.35
N SER A 158 9.26 -11.16 -13.95
CA SER A 158 9.14 -12.22 -14.95
C SER A 158 7.75 -12.25 -15.55
N LEU A 159 6.78 -11.67 -14.83
CA LEU A 159 5.44 -11.52 -15.41
C LEU A 159 5.43 -10.45 -16.51
N LEU A 160 6.14 -9.35 -16.30
CA LEU A 160 6.29 -8.32 -17.32
C LEU A 160 7.09 -8.88 -18.49
N GLY A 161 8.17 -9.61 -18.18
CA GLY A 161 8.98 -10.23 -19.19
C GLY A 161 10.08 -9.29 -19.68
N GLY A 162 10.11 -9.06 -20.99
CA GLY A 162 11.14 -8.20 -21.58
C GLY A 162 11.07 -8.18 -23.10
N VAL A 163 11.85 -7.29 -23.70
CA VAL A 163 11.94 -7.20 -25.16
C VAL A 163 13.38 -7.50 -25.66
N ASP A 164 13.51 -7.89 -26.92
CA ASP A 164 14.86 -8.09 -27.47
C ASP A 164 15.44 -6.76 -27.98
N ALA A 165 16.64 -6.78 -28.56
CA ALA A 165 17.29 -5.54 -29.02
C ALA A 165 16.51 -4.79 -30.11
N ASP A 166 15.61 -5.48 -30.79
CA ASP A 166 14.74 -4.87 -31.78
C ASP A 166 13.42 -4.37 -31.19
N GLY A 167 13.28 -4.45 -29.88
CA GLY A 167 12.07 -3.98 -29.22
C GLY A 167 10.89 -4.95 -29.33
N LYS A 168 11.15 -6.17 -29.78
CA LYS A 168 10.10 -7.18 -29.85
C LYS A 168 9.91 -7.90 -28.49
N GLY A 169 8.66 -8.03 -28.05
CA GLY A 169 8.37 -8.75 -26.80
C GLY A 169 8.71 -10.23 -26.88
N VAL A 170 9.59 -10.72 -26.01
CA VAL A 170 9.98 -12.14 -26.06
C VAL A 170 9.67 -12.95 -24.78
N ALA A 171 9.05 -12.32 -23.79
CA ALA A 171 8.59 -13.03 -22.60
C ALA A 171 7.49 -12.24 -21.94
N GLY A 172 6.70 -12.90 -21.10
CA GLY A 172 5.73 -12.24 -20.24
C GLY A 172 4.70 -11.44 -21.00
N ILE A 173 4.19 -10.40 -20.35
CA ILE A 173 3.17 -9.54 -20.94
C ILE A 173 3.67 -8.83 -22.24
N GLU A 174 4.96 -8.52 -22.29
CA GLU A 174 5.55 -7.89 -23.49
C GLU A 174 5.29 -8.77 -24.71
N GLN A 175 5.41 -10.08 -24.53
CA GLN A 175 5.20 -11.00 -25.62
C GLN A 175 3.71 -11.18 -25.89
N GLU A 177 1.15 -9.28 -25.31
CA GLU A 177 0.50 -8.08 -25.82
C GLU A 177 1.34 -7.41 -26.92
N ASN A 178 2.24 -8.17 -27.52
CA ASN A 178 3.21 -7.60 -28.46
C ASN A 178 2.56 -6.90 -29.64
N LYS A 179 1.53 -7.51 -30.20
CA LYS A 179 0.86 -6.95 -31.38
C LYS A 179 0.34 -5.56 -31.05
N THR A 180 -0.44 -5.47 -29.98
CA THR A 180 -0.97 -4.22 -29.49
C THR A 180 0.12 -3.20 -29.16
N LEU A 181 1.15 -3.63 -28.42
CA LEU A 181 2.24 -2.73 -28.02
C LEU A 181 3.16 -2.26 -29.17
N THR A 182 3.32 -3.07 -30.20
CA THR A 182 4.28 -2.77 -31.27
C THR A 182 3.79 -1.66 -32.21
N GLY A 183 2.52 -1.66 -32.54
CA GLY A 183 1.98 -0.73 -33.53
C GLY A 183 2.37 -1.18 -34.93
N ARG A 184 2.40 -0.24 -35.88
CA ARG A 184 2.72 -0.58 -37.26
C ARG A 184 3.65 0.45 -37.86
N ASP A 185 4.80 -0.01 -38.33
CA ASP A 185 5.79 0.86 -38.96
C ASP A 185 5.19 1.61 -40.15
N GLY A 186 5.72 2.80 -40.40
CA GLY A 186 5.40 3.52 -41.63
C GLY A 186 6.61 3.52 -42.53
N TYR A 187 6.57 4.32 -43.60
CA TYR A 187 7.73 4.41 -44.47
C TYR A 187 7.70 5.66 -45.35
N GLN A 188 8.85 5.95 -45.97
CA GLN A 188 8.97 7.02 -46.98
C GLN A 188 9.76 6.44 -48.14
N VAL A 189 9.34 6.77 -49.35
CA VAL A 189 10.08 6.33 -50.52
C VAL A 189 10.64 7.54 -51.25
N TYR A 190 11.93 7.52 -51.56
CA TYR A 190 12.57 8.67 -52.20
C TYR A 190 13.09 8.30 -53.58
N GLN A 191 12.95 9.18 -54.56
CA GLN A 191 13.63 8.95 -55.82
C GLN A 191 15.00 9.60 -55.71
N GLN A 192 16.05 8.79 -55.62
CA GLN A 192 17.37 9.38 -55.43
C GLN A 192 18.15 9.39 -56.73
N GLY A 193 17.68 8.60 -57.70
CA GLY A 193 18.29 8.60 -59.01
C GLY A 193 17.76 9.72 -59.90
N ASN A 194 17.95 9.56 -61.20
CA ASN A 194 17.41 10.50 -62.18
C ASN A 194 16.51 9.76 -63.17
N SER A 195 15.26 9.61 -62.81
CA SER A 195 14.27 8.93 -63.65
C SER A 195 13.84 9.82 -64.81
N GLY A 196 13.96 11.12 -64.63
CA GLY A 196 13.40 12.07 -65.57
C GLY A 196 11.97 12.49 -65.27
N VAL A 197 11.31 11.89 -64.26
CA VAL A 197 9.95 12.35 -63.91
C VAL A 197 9.82 13.04 -62.53
N GLU A 198 10.83 12.88 -61.66
CA GLU A 198 10.91 13.66 -60.43
C GLU A 198 12.37 14.05 -60.27
N ILE A 199 12.64 15.15 -59.58
CA ILE A 199 14.02 15.53 -59.35
C ILE A 199 14.60 14.62 -58.25
N PRO A 200 15.94 14.44 -58.25
CA PRO A 200 16.62 13.63 -57.23
C PRO A 200 16.24 14.11 -55.84
N GLY A 201 15.93 13.18 -54.93
CA GLY A 201 15.60 13.55 -53.57
C GLY A 201 14.09 13.66 -53.31
N THR A 202 13.29 13.61 -54.37
CA THR A 202 11.84 13.74 -54.22
C THR A 202 11.22 12.56 -53.46
N THR A 204 8.28 10.36 -53.07
CA THR A 204 7.11 10.08 -53.91
C THR A 204 5.97 9.36 -53.22
N GLU A 205 6.27 8.75 -52.08
CA GLU A 205 5.19 8.22 -51.26
C GLU A 205 5.61 8.08 -49.81
N SER A 206 4.63 8.13 -48.93
CA SER A 206 4.89 7.92 -47.54
C SER A 206 3.65 7.33 -46.90
N LYS A 207 3.88 6.64 -45.80
CA LYS A 207 2.81 6.08 -45.00
C LYS A 207 3.23 6.30 -43.56
N ASP A 208 2.37 6.96 -42.77
CA ASP A 208 2.66 7.26 -41.38
C ASP A 208 2.74 6.00 -40.55
N ALA A 209 3.63 5.99 -39.56
CA ALA A 209 3.63 4.95 -38.54
C ALA A 209 2.39 5.10 -37.68
N VAL A 210 1.90 3.98 -37.16
CA VAL A 210 0.89 4.02 -36.11
C VAL A 210 1.60 3.49 -34.87
N ASN A 211 1.76 4.33 -33.86
CA ASN A 211 2.55 3.94 -32.69
C ASN A 211 1.77 2.91 -31.89
N GLY A 212 2.47 2.15 -31.07
CA GLY A 212 1.80 1.10 -30.30
C GLY A 212 0.75 1.67 -29.38
N SER A 213 -0.24 0.85 -29.02
CA SER A 213 -1.22 1.25 -28.03
C SER A 213 -0.72 0.91 -26.63
N ASP A 214 -1.28 1.54 -25.61
CA ASP A 214 -0.89 1.25 -24.23
C ASP A 214 -1.81 0.18 -23.64
N VAL A 215 -1.25 -0.61 -22.73
CA VAL A 215 -1.97 -1.72 -22.13
C VAL A 215 -2.08 -1.49 -20.63
N THR A 216 -3.31 -1.56 -20.12
CA THR A 216 -3.56 -1.45 -18.69
C THR A 216 -3.91 -2.83 -18.10
N LEU A 217 -3.16 -3.25 -17.08
CA LEU A 217 -3.35 -4.56 -16.44
C LEU A 217 -4.42 -4.45 -15.37
N THR A 218 -5.01 -5.58 -14.97
CA THR A 218 -5.84 -5.61 -13.78
C THR A 218 -4.97 -5.63 -12.50
N ILE A 219 -3.69 -5.94 -12.66
CA ILE A 219 -2.76 -6.00 -11.52
C ILE A 219 -2.67 -4.63 -10.85
N ASP A 220 -2.74 -4.63 -9.52
CA ASP A 220 -2.53 -3.42 -8.72
C ASP A 220 -1.11 -3.46 -8.15
N ARG A 221 -0.35 -2.42 -8.43
CA ARG A 221 1.07 -2.32 -8.07
C ARG A 221 1.26 -2.51 -6.57
N ASP A 222 0.37 -1.92 -5.76
CA ASP A 222 0.48 -2.02 -4.29
C ASP A 222 0.14 -3.41 -3.78
N VAL A 223 -0.88 -4.05 -4.32
CA VAL A 223 -1.19 -5.42 -3.91
C VAL A 223 -0.07 -6.38 -4.37
N GLN A 224 0.40 -6.19 -5.60
CA GLN A 224 1.47 -7.04 -6.12
C GLN A 224 2.72 -6.89 -5.27
N TRP A 225 3.08 -5.66 -4.95
CA TRP A 225 4.28 -5.42 -4.14
C TRP A 225 4.15 -6.07 -2.78
N TYR A 226 3.00 -5.89 -2.12
CA TYR A 226 2.85 -6.48 -0.77
C TYR A 226 2.85 -8.01 -0.82
N THR A 227 2.25 -8.56 -1.87
CA THR A 227 2.21 -10.01 -1.97
C THR A 227 3.62 -10.58 -2.18
N GLU A 228 4.41 -9.91 -3.01
CA GLU A 228 5.81 -10.33 -3.21
C GLU A 228 6.61 -10.18 -1.92
N LYS A 229 6.33 -9.12 -1.18
CA LYS A 229 6.96 -8.89 0.13
C LYS A 229 6.58 -10.01 1.14
N VAL A 230 5.31 -10.39 1.17
CA VAL A 230 4.88 -11.48 2.04
C VAL A 230 5.59 -12.78 1.65
N LEU A 231 5.71 -13.04 0.36
CA LEU A 231 6.41 -14.25 -0.06
C LEU A 231 7.90 -14.21 0.31
N SER A 232 8.51 -13.03 0.21
N SER A 232 8.53 -13.04 0.22
CA SER A 232 9.91 -12.87 0.56
CA SER A 232 9.95 -12.96 0.57
C SER A 232 10.11 -13.07 2.06
C SER A 232 10.15 -13.05 2.09
N ASP A 233 9.26 -12.42 2.86
CA ASP A 233 9.33 -12.55 4.32
C ASP A 233 9.05 -14.00 4.72
N SER A 234 8.13 -14.66 4.01
CA SER A 234 7.83 -16.06 4.28
C SER A 234 8.99 -17.00 3.95
N GLU A 235 9.78 -16.65 2.94
CA GLU A 235 11.00 -17.41 2.65
C GLU A 235 12.01 -17.27 3.80
N ASN A 236 12.13 -16.07 4.37
CA ASN A 236 13.02 -15.86 5.51
C ASN A 236 12.57 -16.61 6.75
N LYS A 237 11.26 -16.64 6.97
CA LYS A 237 10.69 -17.36 8.11
C LYS A 237 10.67 -18.88 7.97
N TYR A 238 10.24 -19.38 6.80
CA TYR A 238 9.91 -20.81 6.63
C TYR A 238 10.80 -21.54 5.63
N HIS A 239 11.62 -20.79 4.91
CA HIS A 239 12.63 -21.37 4.02
C HIS A 239 12.11 -22.33 2.95
N SER A 240 10.89 -22.10 2.47
CA SER A 240 10.34 -22.86 1.37
C SER A 240 11.27 -22.85 0.18
N ALA A 241 11.27 -23.92 -0.61
CA ALA A 241 12.07 -23.91 -1.84
C ALA A 241 11.57 -22.79 -2.76
N TRP A 242 10.26 -22.55 -2.73
CA TRP A 242 9.66 -21.45 -3.49
C TRP A 242 8.26 -21.25 -2.98
N GLY A 243 7.67 -20.09 -3.30
CA GLY A 243 6.29 -19.83 -2.94
C GLY A 243 5.65 -19.04 -4.07
N ILE A 244 4.37 -19.27 -4.30
CA ILE A 244 3.62 -18.46 -5.28
C ILE A 244 2.29 -18.07 -4.65
N ALA A 245 1.70 -16.97 -5.09
CA ALA A 245 0.48 -16.46 -4.49
C ALA A 245 -0.30 -15.73 -5.54
N VAL A 247 -4.06 -13.24 -6.04
CA VAL A 247 -5.24 -12.59 -5.49
C VAL A 247 -6.22 -12.31 -6.63
N GLN A 248 -7.45 -12.80 -6.50
CA GLN A 248 -8.45 -12.60 -7.54
C GLN A 248 -9.70 -11.90 -6.99
N ASP A 249 -10.23 -10.93 -7.74
CA ASP A 249 -11.51 -10.28 -7.39
C ASP A 249 -12.68 -11.20 -7.69
N VAL A 250 -13.46 -11.52 -6.66
CA VAL A 250 -14.52 -12.52 -6.78
C VAL A 250 -15.54 -12.20 -7.88
N GLN A 251 -16.06 -10.98 -7.89
CA GLN A 251 -17.19 -10.74 -8.78
C GLN A 251 -16.80 -10.58 -10.25
N SER A 252 -15.59 -10.09 -10.51
CA SER A 252 -15.19 -9.82 -11.90
C SER A 252 -14.28 -10.89 -12.51
N GLY A 253 -13.56 -11.63 -11.68
CA GLY A 253 -12.53 -12.52 -12.16
C GLY A 253 -11.22 -11.83 -12.50
N ASP A 254 -11.11 -10.55 -12.16
CA ASP A 254 -9.88 -9.80 -12.40
C ASP A 254 -8.75 -10.21 -11.46
N ILE A 255 -7.54 -10.26 -12.01
CA ILE A 255 -6.38 -10.68 -11.25
C ILE A 255 -5.63 -9.48 -10.66
N LEU A 256 -5.64 -9.34 -9.34
CA LEU A 256 -5.05 -8.16 -8.72
C LEU A 256 -3.58 -8.35 -8.39
N ALA A 257 -3.17 -9.61 -8.23
CA ALA A 257 -1.77 -9.96 -8.01
C ALA A 257 -1.52 -11.39 -8.43
N LEU A 258 -0.34 -11.64 -8.99
CA LEU A 258 0.08 -12.98 -9.36
C LEU A 258 1.58 -13.01 -9.17
N ALA A 259 2.02 -13.67 -8.11
CA ALA A 259 3.35 -13.43 -7.57
C ALA A 259 4.11 -14.70 -7.27
N ASP A 260 5.44 -14.62 -7.35
CA ASP A 260 6.27 -15.74 -6.93
C ASP A 260 7.43 -15.21 -6.07
N SER A 261 8.12 -16.13 -5.41
CA SER A 261 9.20 -15.76 -4.49
C SER A 261 10.54 -15.53 -5.20
N ASP A 262 10.60 -15.70 -6.51
CA ASP A 262 11.89 -15.43 -7.18
C ASP A 262 12.04 -13.93 -7.36
N THR A 263 13.27 -13.47 -7.48
CA THR A 263 13.51 -12.04 -7.60
C THR A 263 14.29 -11.74 -8.89
N THR A 264 13.61 -11.16 -9.89
CA THR A 264 14.28 -10.83 -11.13
C THR A 264 13.92 -9.42 -11.57
N GLU A 265 14.89 -8.69 -12.11
CA GLU A 265 14.64 -7.37 -12.69
C GLU A 265 13.76 -7.54 -13.93
N ALA A 266 12.71 -6.72 -14.05
CA ALA A 266 11.89 -6.77 -15.25
C ALA A 266 12.78 -6.43 -16.46
N GLY A 267 12.61 -7.18 -17.55
CA GLY A 267 13.40 -6.88 -18.76
C GLY A 267 14.81 -7.48 -18.79
N SER A 268 15.23 -8.11 -17.69
CA SER A 268 16.56 -8.74 -17.62
C SER A 268 16.60 -10.08 -18.35
N ASP A 269 17.81 -10.62 -18.57
CA ASP A 269 17.97 -11.94 -19.17
C ASP A 269 17.25 -13.00 -18.33
N GLN A 270 17.41 -12.88 -17.01
CA GLN A 270 16.73 -13.78 -16.06
C GLN A 270 15.22 -13.77 -16.29
N ALA A 271 14.66 -12.58 -16.43
CA ALA A 271 13.21 -12.46 -16.61
C ALA A 271 12.80 -13.06 -17.93
N LYS A 272 13.63 -12.87 -18.95
CA LYS A 272 13.32 -13.39 -20.28
C LYS A 272 13.56 -14.89 -20.40
N GLY A 274 12.52 -17.42 -18.61
CA GLY A 274 11.38 -18.29 -18.38
C GLY A 274 10.23 -17.54 -17.71
N ALA A 275 9.04 -18.10 -17.88
CA ALA A 275 7.85 -17.59 -17.23
C ALA A 275 8.00 -17.57 -15.72
N SER A 276 7.24 -16.69 -15.08
CA SER A 276 7.10 -16.70 -13.64
C SER A 276 6.69 -18.08 -13.20
N ARG A 277 7.29 -18.58 -12.12
CA ARG A 277 6.84 -19.86 -11.58
C ARG A 277 5.33 -19.89 -11.26
N ALA A 278 4.76 -18.77 -10.82
CA ALA A 278 3.30 -18.69 -10.60
C ALA A 278 2.51 -19.05 -11.85
N VAL A 279 3.02 -18.65 -13.03
CA VAL A 279 2.36 -18.97 -14.29
C VAL A 279 2.53 -20.45 -14.69
N SER A 280 3.76 -20.97 -14.56
CA SER A 280 4.07 -22.29 -15.13
C SER A 280 3.86 -23.51 -14.21
N GLU A 281 4.01 -23.33 -12.91
CA GLU A 281 3.99 -24.48 -12.01
C GLU A 281 2.65 -25.24 -12.04
N THR A 282 2.70 -26.57 -12.15
CA THR A 282 1.49 -27.36 -11.96
C THR A 282 1.73 -28.38 -10.85
N PHE A 283 0.66 -28.81 -10.21
CA PHE A 283 0.76 -29.68 -9.03
C PHE A 283 -0.61 -30.26 -8.76
N GLU A 284 -0.65 -31.38 -8.04
CA GLU A 284 -1.90 -31.91 -7.54
C GLU A 284 -2.38 -31.00 -6.45
N PRO A 285 -3.68 -30.65 -6.47
CA PRO A 285 -4.20 -29.72 -5.47
C PRO A 285 -4.44 -30.36 -4.10
N GLY A 286 -4.43 -31.70 -4.01
CA GLY A 286 -4.72 -32.37 -2.76
C GLY A 286 -6.13 -32.04 -2.26
N SER A 287 -6.30 -31.98 -0.94
CA SER A 287 -7.63 -31.91 -0.32
C SER A 287 -8.48 -30.69 -0.74
N ILE A 288 -7.85 -29.62 -1.21
CA ILE A 288 -8.62 -28.51 -1.77
C ILE A 288 -9.53 -29.01 -2.90
N GLY A 289 -9.05 -29.99 -3.65
CA GLY A 289 -9.83 -30.65 -4.69
C GLY A 289 -11.14 -31.29 -4.24
N LYS A 290 -11.28 -31.57 -2.94
CA LYS A 290 -12.53 -32.15 -2.42
C LYS A 290 -13.68 -31.18 -2.62
N VAL A 291 -13.37 -29.88 -2.65
CA VAL A 291 -14.42 -28.88 -2.88
C VAL A 291 -15.15 -29.14 -4.19
N LEU A 292 -14.37 -29.49 -5.22
CA LEU A 292 -14.95 -29.73 -6.55
C LEU A 292 -15.81 -30.98 -6.58
N ALA A 293 -15.30 -32.09 -6.02
CA ALA A 293 -16.04 -33.36 -6.09
C ALA A 293 -17.32 -33.31 -5.25
N SER A 295 -19.04 -30.58 -4.33
CA SER A 295 -19.98 -29.72 -5.02
C SER A 295 -20.81 -30.55 -6.00
N GLY A 296 -20.13 -31.46 -6.72
CA GLY A 296 -20.78 -32.37 -7.65
C GLY A 296 -21.81 -33.27 -6.96
N LEU A 298 -23.47 -32.78 -4.17
CA LEU A 298 -24.63 -32.00 -3.76
C LEU A 298 -25.49 -31.68 -4.98
N GLN A 299 -24.85 -31.17 -6.03
CA GLN A 299 -25.56 -30.79 -7.24
C GLN A 299 -26.41 -31.93 -7.81
N LEU A 300 -25.85 -33.13 -7.79
CA LEU A 300 -26.48 -34.31 -8.38
C LEU A 300 -27.50 -34.90 -7.42
N GLY A 301 -27.54 -34.38 -6.20
CA GLY A 301 -28.47 -34.85 -5.20
C GLY A 301 -28.06 -36.21 -4.66
N LEU A 302 -26.77 -36.51 -4.76
CA LEU A 302 -26.25 -37.78 -4.24
C LEU A 302 -26.25 -37.76 -2.74
N HIS A 303 -25.93 -36.61 -2.17
CA HIS A 303 -26.04 -36.43 -0.73
C HIS A 303 -26.52 -35.03 -0.43
N LYS A 304 -26.96 -34.80 0.80
CA LYS A 304 -27.15 -33.45 1.31
C LYS A 304 -25.96 -33.10 2.21
N ILE A 305 -25.73 -31.81 2.38
CA ILE A 305 -24.53 -31.31 3.06
C ILE A 305 -24.50 -31.76 4.52
N ASP A 306 -25.66 -32.00 5.11
CA ASP A 306 -25.69 -32.43 6.50
C ASP A 306 -25.94 -33.93 6.69
N ASP A 307 -25.76 -34.72 5.63
CA ASP A 307 -25.89 -36.19 5.74
C ASP A 307 -24.86 -36.75 6.72
N LYS A 308 -25.27 -37.75 7.49
CA LYS A 308 -24.43 -38.28 8.56
C LYS A 308 -23.69 -39.53 8.12
N PHE A 309 -22.39 -39.57 8.40
CA PHE A 309 -21.58 -40.74 8.06
C PHE A 309 -20.83 -41.25 9.29
N THR A 310 -20.56 -42.55 9.28
CA THR A 310 -19.58 -43.14 10.18
C THR A 310 -18.32 -43.41 9.37
N VAL A 311 -17.24 -42.73 9.72
CA VAL A 311 -16.05 -42.73 8.88
C VAL A 311 -14.91 -43.39 9.63
N PRO A 312 -14.58 -44.63 9.27
CA PRO A 312 -13.49 -45.38 9.89
C PRO A 312 -12.17 -44.83 9.37
N ASN A 313 -11.03 -45.24 9.92
CA ASN A 313 -9.81 -44.62 9.42
C ASN A 313 -9.25 -45.27 8.16
N THR A 314 -9.82 -46.40 7.76
CA THR A 314 -9.50 -46.94 6.45
C THR A 314 -10.77 -47.48 5.82
N VAL A 315 -10.77 -47.59 4.50
CA VAL A 315 -11.83 -48.31 3.82
C VAL A 315 -11.24 -49.03 2.62
N THR A 316 -11.74 -50.24 2.37
CA THR A 316 -11.27 -51.02 1.24
C THR A 316 -12.39 -51.19 0.21
N VAL A 317 -12.11 -50.79 -1.03
CA VAL A 317 -13.10 -50.88 -2.08
C VAL A 317 -12.46 -51.53 -3.30
N GLU A 318 -13.11 -52.58 -3.81
CA GLU A 318 -12.60 -53.31 -4.97
C GLU A 318 -11.12 -53.63 -4.87
N GLY A 319 -10.71 -54.18 -3.72
CA GLY A 319 -9.32 -54.54 -3.49
C GLY A 319 -8.39 -53.37 -3.24
N GLN A 320 -8.93 -52.15 -3.21
CA GLN A 320 -8.09 -50.99 -2.97
C GLN A 320 -8.35 -50.41 -1.59
N THR A 321 -7.27 -50.09 -0.86
CA THR A 321 -7.40 -49.57 0.49
C THR A 321 -7.04 -48.09 0.55
N TYR A 322 -7.92 -47.30 1.15
CA TYR A 322 -7.70 -45.85 1.29
C TYR A 322 -7.59 -45.46 2.75
N LYS A 323 -6.68 -44.54 3.04
CA LYS A 323 -6.43 -44.08 4.40
C LYS A 323 -6.47 -42.56 4.50
N ASP A 324 -6.83 -42.06 5.67
CA ASP A 324 -6.69 -40.63 5.93
C ASP A 324 -5.26 -40.37 6.40
N ALA A 325 -4.85 -39.12 6.41
CA ALA A 325 -3.49 -38.74 6.78
C ALA A 325 -3.17 -39.12 8.21
N VAL A 326 -4.22 -39.18 9.02
CA VAL A 326 -4.09 -39.40 10.45
C VAL A 326 -4.92 -40.62 10.88
N ASP A 327 -4.41 -41.40 11.83
CA ASP A 327 -5.20 -42.43 12.47
C ASP A 327 -6.32 -41.82 13.30
N HIS A 328 -7.55 -42.19 13.00
CA HIS A 328 -8.67 -41.86 13.88
C HIS A 328 -9.51 -43.11 14.06
N GLY A 329 -10.56 -43.04 14.85
CA GLY A 329 -11.46 -44.18 15.03
C GLY A 329 -12.61 -44.06 14.07
N ASN A 330 -13.74 -44.68 14.41
CA ASN A 330 -14.97 -44.53 13.64
C ASN A 330 -15.67 -43.21 13.94
N GLU A 331 -15.39 -42.18 13.15
CA GLU A 331 -15.84 -40.82 13.45
C GLU A 331 -17.25 -40.55 12.96
N HIS A 332 -17.98 -39.73 13.72
CA HIS A 332 -19.35 -39.34 13.42
C HIS A 332 -19.35 -37.97 12.75
N TRP A 333 -19.06 -37.95 11.45
CA TRP A 333 -18.97 -36.71 10.70
C TRP A 333 -20.11 -36.56 9.72
N THR A 334 -20.57 -35.32 9.52
CA THR A 334 -21.48 -35.04 8.42
C THR A 334 -20.67 -34.88 7.14
N LEU A 335 -21.35 -34.68 6.01
CA LEU A 335 -20.63 -34.47 4.76
C LEU A 335 -19.76 -33.22 4.86
N ALA A 336 -20.29 -32.16 5.48
CA ALA A 336 -19.51 -30.96 5.72
C ALA A 336 -18.26 -31.27 6.56
N GLY A 337 -18.40 -32.13 7.57
CA GLY A 337 -17.26 -32.52 8.40
C GLY A 337 -16.20 -33.32 7.66
N ILE A 338 -16.62 -34.14 6.69
CA ILE A 338 -15.65 -34.85 5.85
C ILE A 338 -14.73 -33.85 5.11
N LEU A 339 -15.33 -32.74 4.66
CA LEU A 339 -14.56 -31.67 4.03
C LEU A 339 -13.61 -31.02 5.06
N GLU A 340 -14.19 -30.62 6.18
CA GLU A 340 -13.47 -29.93 7.24
C GLU A 340 -12.29 -30.76 7.77
N GLN A 341 -12.49 -32.06 7.85
CA GLN A 341 -11.46 -32.95 8.38
C GLN A 341 -10.56 -33.53 7.30
N SER A 342 -10.74 -33.08 6.05
CA SER A 342 -9.92 -33.58 4.95
C SER A 342 -9.93 -35.11 4.85
N SER A 343 -11.08 -35.74 5.05
CA SER A 343 -11.12 -37.19 5.07
C SER A 343 -11.29 -37.81 3.69
N ASN A 344 -10.19 -38.33 3.16
CA ASN A 344 -10.19 -39.13 1.93
C ASN A 344 -11.17 -40.27 2.05
N VAL A 345 -11.15 -40.91 3.21
CA VAL A 345 -11.97 -42.09 3.44
C VAL A 345 -13.45 -41.68 3.35
N GLY A 346 -13.81 -40.60 4.03
CA GLY A 346 -15.17 -40.07 3.92
C GLY A 346 -15.60 -39.77 2.50
N VAL A 348 -14.47 -41.19 -0.29
CA VAL A 348 -14.69 -42.47 -0.96
C VAL A 348 -16.05 -43.07 -0.60
N ILE A 349 -16.38 -43.05 0.69
CA ILE A 349 -17.67 -43.55 1.12
C ILE A 349 -18.81 -42.70 0.56
N ALA A 350 -18.73 -41.38 0.71
CA ALA A 350 -19.77 -40.48 0.22
C ALA A 350 -19.97 -40.58 -1.29
N GLY A 351 -18.89 -40.78 -2.02
CA GLY A 351 -18.94 -40.73 -3.47
C GLY A 351 -19.35 -42.03 -4.13
N ASP A 352 -19.77 -42.99 -3.30
CA ASP A 352 -20.06 -44.37 -3.74
C ASP A 352 -20.87 -44.44 -5.03
N LYS A 353 -21.94 -43.64 -5.10
CA LYS A 353 -22.87 -43.72 -6.22
C LYS A 353 -22.52 -42.78 -7.38
N THR A 355 -20.83 -41.79 -10.52
CA THR A 355 -20.18 -42.53 -11.60
C THR A 355 -18.93 -41.83 -12.05
N ASN A 356 -18.03 -42.59 -12.68
CA ASN A 356 -16.81 -42.05 -13.30
C ASN A 356 -17.11 -40.81 -14.15
N GLU A 357 -18.15 -40.89 -14.96
CA GLU A 357 -18.48 -39.77 -15.85
C GLU A 357 -18.87 -38.53 -15.06
N GLN A 358 -19.65 -38.71 -14.00
CA GLN A 358 -20.04 -37.59 -13.14
C GLN A 358 -18.82 -36.99 -12.44
N ARG A 359 -17.94 -37.86 -11.93
CA ARG A 359 -16.71 -37.37 -11.30
C ARG A 359 -15.91 -36.50 -12.27
N TYR A 360 -15.63 -37.02 -13.47
CA TYR A 360 -14.87 -36.27 -14.47
C TYR A 360 -15.58 -34.94 -14.77
N ASN A 361 -16.89 -35.02 -15.00
CA ASN A 361 -17.68 -33.86 -15.41
C ASN A 361 -17.58 -32.72 -14.43
N PHE A 362 -17.73 -32.99 -13.14
CA PHE A 362 -17.68 -31.89 -12.19
C PHE A 362 -16.30 -31.31 -12.00
N ILE A 363 -15.27 -32.14 -12.03
CA ILE A 363 -13.93 -31.60 -11.97
C ILE A 363 -13.64 -30.73 -13.20
N SER A 364 -13.94 -31.27 -14.37
CA SER A 364 -13.74 -30.54 -15.62
C SER A 364 -14.58 -29.25 -15.66
N LYS A 365 -15.82 -29.34 -15.21
CA LYS A 365 -16.72 -28.18 -15.21
C LYS A 365 -16.14 -26.99 -14.41
N PHE A 366 -15.33 -27.26 -13.40
CA PHE A 366 -14.69 -26.18 -12.63
C PHE A 366 -13.49 -25.56 -13.35
N GLY A 367 -13.21 -26.03 -14.57
CA GLY A 367 -12.11 -25.47 -15.36
C GLY A 367 -10.80 -26.25 -15.31
N ILE A 368 -10.82 -27.39 -14.62
CA ILE A 368 -9.59 -28.19 -14.47
C ILE A 368 -9.28 -28.87 -15.79
N GLY A 369 -8.01 -28.85 -16.21
CA GLY A 369 -7.61 -29.49 -17.45
C GLY A 369 -7.82 -28.61 -18.69
N GLN A 370 -8.31 -27.40 -18.47
CA GLN A 370 -8.57 -26.48 -19.59
C GLN A 370 -7.76 -25.19 -19.44
N ALA A 371 -7.41 -24.58 -20.57
CA ALA A 371 -6.69 -23.32 -20.55
C ALA A 371 -7.50 -22.28 -19.78
N THR A 372 -6.82 -21.45 -18.99
CA THR A 372 -7.52 -20.34 -18.32
C THR A 372 -8.10 -19.36 -19.34
N GLY A 373 -7.49 -19.32 -20.51
CA GLY A 373 -7.85 -18.32 -21.51
C GLY A 373 -7.05 -17.05 -21.34
N LEU A 374 -6.22 -16.97 -20.31
CA LEU A 374 -5.37 -15.78 -20.10
C LEU A 374 -4.26 -15.65 -21.15
N ASN A 375 -3.88 -16.76 -21.76
CA ASN A 375 -2.80 -16.80 -22.76
C ASN A 375 -1.45 -16.32 -22.27
N LEU A 376 -1.14 -16.53 -21.00
CA LEU A 376 0.19 -16.22 -20.48
C LEU A 376 1.20 -17.16 -21.12
N PRO A 377 2.33 -16.62 -21.60
CA PRO A 377 3.36 -17.52 -22.16
C PRO A 377 3.86 -18.49 -21.08
N GLY A 378 3.97 -19.77 -21.42
CA GLY A 378 4.53 -20.75 -20.49
C GLY A 378 3.48 -21.36 -19.56
N GLU A 379 2.23 -20.94 -19.74
CA GLU A 379 1.12 -21.45 -18.97
C GLU A 379 0.73 -22.86 -19.47
N SER A 380 0.52 -23.79 -18.55
CA SER A 380 0.07 -25.14 -18.93
C SER A 380 -1.45 -25.30 -18.79
N GLU A 381 -2.04 -26.29 -19.46
CA GLU A 381 -3.46 -26.54 -19.26
C GLU A 381 -3.70 -27.49 -18.08
N GLY A 382 -2.61 -28.02 -17.51
CA GLY A 382 -2.74 -29.00 -16.45
C GLY A 382 -3.14 -30.34 -17.01
N VAL A 383 -3.30 -31.35 -16.16
CA VAL A 383 -3.61 -32.69 -16.64
C VAL A 383 -4.82 -33.24 -15.93
N LEU A 384 -5.83 -33.65 -16.69
CA LEU A 384 -6.95 -34.40 -16.16
C LEU A 384 -7.31 -35.46 -17.20
N HIS A 385 -7.01 -36.72 -16.89
CA HIS A 385 -7.22 -37.81 -17.85
C HIS A 385 -8.70 -38.14 -18.03
N PRO A 386 -9.10 -38.51 -19.25
CA PRO A 386 -10.48 -38.95 -19.53
C PRO A 386 -10.87 -40.09 -18.59
N SER A 387 -12.13 -40.11 -18.15
CA SER A 387 -12.56 -41.07 -17.14
C SER A 387 -12.43 -42.53 -17.60
N ASP A 388 -12.56 -42.80 -18.89
CA ASP A 388 -12.42 -44.19 -19.33
C ASP A 388 -10.96 -44.69 -19.25
N SER A 389 -10.01 -43.79 -19.01
CA SER A 389 -8.63 -44.20 -18.83
C SER A 389 -8.28 -44.43 -17.37
N TRP A 390 -9.20 -44.11 -16.46
CA TRP A 390 -8.96 -44.27 -15.03
C TRP A 390 -8.95 -45.75 -14.68
N ASP A 391 -8.20 -46.12 -13.64
CA ASP A 391 -8.29 -47.49 -13.13
C ASP A 391 -9.08 -47.45 -11.84
N ARG A 392 -9.20 -48.61 -11.18
CA ARG A 392 -10.04 -48.72 -9.99
C ARG A 392 -9.58 -47.86 -8.81
N ARG A 393 -8.31 -47.49 -8.79
CA ARG A 393 -7.81 -46.61 -7.74
C ARG A 393 -7.96 -45.12 -8.07
N THR A 394 -7.48 -44.72 -9.25
CA THR A 394 -7.47 -43.30 -9.61
C THR A 394 -8.90 -42.75 -9.74
N ARG A 395 -9.88 -43.61 -10.01
CA ARG A 395 -11.27 -43.15 -10.06
C ARG A 395 -11.70 -42.63 -8.69
N ASN A 396 -11.01 -43.08 -7.64
CA ASN A 396 -11.29 -42.63 -6.27
C ASN A 396 -10.41 -41.49 -5.76
N THR A 397 -9.11 -41.57 -6.06
CA THR A 397 -8.18 -40.50 -5.68
C THR A 397 -8.57 -39.16 -6.33
N VAL A 398 -9.25 -39.21 -7.46
CA VAL A 398 -9.69 -37.98 -8.13
C VAL A 398 -10.67 -37.21 -7.23
N LEU A 399 -11.34 -37.92 -6.32
CA LEU A 399 -12.28 -37.30 -5.38
C LEU A 399 -11.56 -36.40 -4.39
N PHE A 400 -10.30 -36.70 -4.11
CA PHE A 400 -9.57 -35.88 -3.13
C PHE A 400 -8.30 -35.20 -3.65
N GLY A 401 -8.37 -34.70 -4.88
CA GLY A 401 -7.32 -33.84 -5.40
C GLY A 401 -6.04 -34.54 -5.78
N GLN A 402 -6.12 -35.84 -6.10
CA GLN A 402 -4.94 -36.59 -6.55
C GLN A 402 -5.14 -37.18 -7.94
N GLY A 403 -4.05 -37.27 -8.68
CA GLY A 403 -4.07 -37.94 -9.98
C GLY A 403 -4.44 -37.01 -11.13
N TYR A 404 -4.59 -35.73 -10.82
CA TYR A 404 -4.76 -34.68 -11.84
C TYR A 404 -4.01 -33.47 -11.34
N THR A 405 -3.65 -32.56 -12.23
CA THR A 405 -2.83 -31.42 -11.80
C THR A 405 -3.46 -30.10 -12.22
N VAL A 406 -3.14 -29.04 -11.48
CA VAL A 406 -3.67 -27.71 -11.74
C VAL A 406 -2.54 -26.68 -11.64
N ASN A 407 -2.73 -25.50 -12.24
CA ASN A 407 -1.87 -24.38 -11.86
C ASN A 407 -2.61 -23.49 -10.88
N VAL A 408 -1.92 -22.50 -10.33
CA VAL A 408 -2.55 -21.68 -9.31
C VAL A 408 -3.75 -20.90 -9.83
N GLN A 410 -5.95 -21.85 -12.22
CA GLN A 410 -7.07 -22.78 -12.34
C GLN A 410 -7.65 -23.12 -10.97
N LEU A 411 -6.78 -23.36 -9.99
CA LEU A 411 -7.25 -23.69 -8.65
C LEU A 411 -8.05 -22.50 -8.07
N THR A 412 -7.52 -21.30 -8.29
CA THR A 412 -8.10 -20.10 -7.74
C THR A 412 -9.45 -19.82 -8.42
N ASN A 413 -9.52 -20.01 -9.74
CA ASN A 413 -10.78 -19.83 -10.43
C ASN A 413 -11.84 -20.85 -9.99
N ALA A 414 -11.43 -22.09 -9.75
CA ALA A 414 -12.38 -23.13 -9.29
C ALA A 414 -12.95 -22.76 -7.92
N ILE A 415 -12.10 -22.32 -7.02
CA ILE A 415 -12.57 -21.85 -5.72
C ILE A 415 -13.46 -20.61 -5.83
N SER A 416 -13.15 -19.74 -6.78
N SER A 416 -13.15 -19.75 -6.80
CA SER A 416 -13.97 -18.54 -6.99
CA SER A 416 -13.94 -18.53 -7.02
C SER A 416 -15.42 -18.91 -7.28
C SER A 416 -15.38 -18.85 -7.46
N VAL A 417 -15.62 -20.07 -7.91
CA VAL A 417 -16.98 -20.52 -8.25
C VAL A 417 -17.86 -20.58 -6.99
N ILE A 418 -17.30 -21.11 -5.90
CA ILE A 418 -18.02 -21.17 -4.64
C ILE A 418 -18.29 -19.77 -4.04
N ALA A 419 -17.34 -18.87 -4.25
CA ALA A 419 -17.46 -17.48 -3.76
C ALA A 419 -18.45 -16.66 -4.57
N ASN A 420 -18.60 -17.03 -5.83
CA ASN A 420 -19.37 -16.23 -6.78
C ASN A 420 -20.73 -16.87 -7.13
N LYS A 421 -21.37 -17.47 -6.13
CA LYS A 421 -22.73 -17.97 -6.27
C LYS A 421 -22.86 -19.09 -7.32
N GLY A 422 -21.77 -19.82 -7.55
CA GLY A 422 -21.82 -20.99 -8.43
C GLY A 422 -21.49 -20.70 -9.88
N VAL A 423 -21.07 -19.46 -10.16
CA VAL A 423 -20.79 -19.01 -11.51
C VAL A 423 -19.28 -18.91 -11.72
N LYS A 424 -18.79 -19.46 -12.83
CA LYS A 424 -17.38 -19.31 -13.17
C LYS A 424 -17.22 -18.29 -14.30
N LYS A 425 -16.43 -17.27 -14.05
CA LYS A 425 -16.07 -16.31 -15.09
C LYS A 425 -14.71 -16.58 -15.70
N PRO A 426 -14.51 -16.19 -16.96
CA PRO A 426 -13.13 -16.24 -17.46
C PRO A 426 -12.30 -15.23 -16.66
N GLN A 427 -11.10 -15.60 -16.24
CA GLN A 427 -10.26 -14.64 -15.53
C GLN A 427 -9.74 -13.58 -16.49
N ARG A 428 -9.36 -12.43 -15.94
CA ARG A 428 -8.86 -11.33 -16.76
C ARG A 428 -7.58 -10.75 -16.16
N ILE A 429 -6.58 -10.48 -16.99
CA ILE A 429 -5.42 -9.77 -16.54
C ILE A 429 -5.16 -8.50 -17.38
N ILE A 430 -5.69 -8.47 -18.60
CA ILE A 430 -5.64 -7.26 -19.41
C ILE A 430 -6.96 -6.49 -19.26
N LYS A 431 -6.91 -5.34 -18.61
CA LYS A 431 -8.11 -4.57 -18.29
C LYS A 431 -8.55 -3.70 -19.48
N SER A 432 -7.61 -2.98 -20.07
CA SER A 432 -7.94 -2.09 -21.18
C SER A 432 -6.79 -1.80 -22.13
N ILE A 433 -7.12 -1.28 -23.30
CA ILE A 433 -6.13 -0.85 -24.26
C ILE A 433 -6.46 0.59 -24.64
N THR A 434 -5.45 1.47 -24.62
CA THR A 434 -5.62 2.87 -24.98
C THR A 434 -4.95 3.13 -26.32
N ASP A 435 -5.73 3.52 -27.33
CA ASP A 435 -5.18 3.72 -28.67
C ASP A 435 -4.43 5.05 -28.81
N THR A 436 -3.93 5.32 -30.00
CA THR A 436 -3.11 6.52 -30.25
C THR A 436 -3.91 7.83 -30.16
N ALA A 437 -5.24 7.74 -30.30
CA ALA A 437 -6.07 8.93 -30.13
C ALA A 437 -6.38 9.18 -28.66
N GLY A 438 -5.99 8.24 -27.79
CA GLY A 438 -6.23 8.37 -26.37
C GLY A 438 -7.52 7.72 -25.93
N HIS A 439 -8.16 7.00 -26.84
CA HIS A 439 -9.39 6.30 -26.51
C HIS A 439 -9.14 5.00 -25.73
N VAL A 440 -9.73 4.89 -24.54
CA VAL A 440 -9.59 3.72 -23.68
C VAL A 440 -10.67 2.68 -23.97
N GLU A 441 -10.27 1.52 -24.47
CA GLU A 441 -11.21 0.44 -24.75
C GLU A 441 -11.07 -0.70 -23.74
N GLU A 442 -12.08 -0.87 -22.89
CA GLU A 442 -12.04 -1.94 -21.90
C GLU A 442 -11.98 -3.28 -22.61
N GLN A 443 -11.16 -4.19 -22.10
CA GLN A 443 -11.01 -5.49 -22.73
C GLN A 443 -11.85 -6.52 -21.98
N GLN A 444 -12.38 -7.49 -22.70
CA GLN A 444 -13.11 -8.57 -22.05
C GLN A 444 -12.61 -9.90 -22.57
N SER A 445 -12.27 -10.80 -21.64
CA SER A 445 -11.77 -12.11 -22.00
C SER A 445 -12.74 -12.88 -22.90
N LYS A 446 -12.20 -13.74 -23.75
CA LYS A 446 -13.01 -14.59 -24.60
C LYS A 446 -13.76 -15.59 -23.73
N GLY A 447 -14.80 -16.20 -24.27
CA GLY A 447 -15.59 -17.15 -23.50
C GLY A 447 -16.45 -16.48 -22.45
N GLU A 448 -17.51 -17.16 -22.04
CA GLU A 448 -18.52 -16.53 -21.20
C GLU A 448 -18.61 -17.09 -19.79
N ALA A 449 -19.27 -16.33 -18.92
CA ALA A 449 -19.63 -16.82 -17.60
C ALA A 449 -20.51 -18.07 -17.76
N THR A 450 -20.25 -19.09 -16.96
CA THR A 450 -21.09 -20.29 -17.01
C THR A 450 -21.49 -20.69 -15.61
N ARG A 451 -22.70 -21.21 -15.46
CA ARG A 451 -23.08 -21.73 -14.15
C ARG A 451 -22.50 -23.12 -13.97
N VAL A 452 -21.72 -23.32 -12.91
CA VAL A 452 -21.13 -24.63 -12.61
C VAL A 452 -22.04 -25.45 -11.71
N ILE A 453 -22.62 -24.80 -10.69
CA ILE A 453 -23.51 -25.43 -9.72
C ILE A 453 -24.59 -24.42 -9.34
N ASP A 454 -25.68 -24.92 -8.75
CA ASP A 454 -26.73 -24.04 -8.25
C ASP A 454 -26.17 -23.10 -7.20
N GLU A 455 -26.74 -21.90 -7.11
CA GLU A 455 -26.37 -20.93 -6.08
C GLU A 455 -26.56 -21.50 -4.66
N SER A 456 -27.61 -22.30 -4.48
CA SER A 456 -27.84 -22.86 -3.17
C SER A 456 -26.74 -23.89 -2.82
N VAL A 457 -26.24 -24.60 -3.82
CA VAL A 457 -25.15 -25.55 -3.58
C VAL A 457 -23.86 -24.80 -3.24
N ALA A 458 -23.59 -23.75 -4.00
CA ALA A 458 -22.47 -22.87 -3.71
C ALA A 458 -22.54 -22.32 -2.26
N SER A 459 -23.72 -21.91 -1.82
CA SER A 459 -23.87 -21.40 -0.47
C SER A 459 -23.53 -22.45 0.58
N GLN A 460 -23.97 -23.68 0.35
CA GLN A 460 -23.72 -24.75 1.32
C GLN A 460 -22.24 -25.11 1.37
N LEU A 462 -19.76 -22.98 0.64
CA LEU A 462 -19.11 -21.84 1.28
C LEU A 462 -19.20 -21.99 2.80
N ASN A 463 -20.39 -22.38 3.27
CA ASN A 463 -20.65 -22.66 4.67
C ASN A 463 -19.72 -23.78 5.18
N ALA A 464 -19.57 -24.86 4.43
CA ALA A 464 -18.67 -25.96 4.83
C ALA A 464 -17.20 -25.51 4.79
N GLU A 466 -16.22 -22.44 5.39
CA GLU A 466 -16.05 -21.60 6.56
C GLU A 466 -15.79 -22.48 7.80
N SER A 467 -16.50 -23.61 7.91
CA SER A 467 -16.20 -24.57 8.98
C SER A 467 -14.78 -25.11 8.79
N SER A 468 -14.38 -25.35 7.55
CA SER A 468 -13.00 -25.82 7.28
C SER A 468 -11.95 -24.79 7.73
N ALA A 469 -12.21 -23.50 7.50
CA ALA A 469 -11.29 -22.43 7.96
C ALA A 469 -11.21 -22.37 9.50
N GLU A 470 -12.35 -22.46 10.15
CA GLU A 470 -12.39 -22.42 11.61
C GLU A 470 -11.61 -23.57 12.23
N HIS A 471 -11.50 -24.68 11.51
CA HIS A 471 -10.68 -25.80 11.97
C HIS A 471 -9.22 -25.39 12.27
N TYR A 472 -8.74 -24.35 11.59
CA TYR A 472 -7.36 -23.86 11.76
C TYR A 472 -7.27 -22.48 12.41
N ASN A 473 -8.33 -22.04 13.07
CA ASN A 473 -8.35 -20.66 13.54
C ASN A 473 -7.47 -20.40 14.76
N THR A 474 -6.82 -21.44 15.29
CA THR A 474 -5.85 -21.22 16.37
C THR A 474 -4.57 -20.57 15.81
N PHE A 475 -4.33 -20.69 14.51
CA PHE A 475 -3.12 -20.11 13.89
C PHE A 475 -3.35 -19.40 12.55
N VAL A 476 -4.59 -19.46 12.03
CA VAL A 476 -4.89 -18.75 10.76
C VAL A 476 -6.07 -17.82 11.04
N LYS A 477 -5.81 -16.51 11.06
CA LYS A 477 -6.80 -15.55 11.53
C LYS A 477 -6.62 -14.25 10.77
N VAL A 478 -7.73 -13.59 10.43
CA VAL A 478 -7.67 -12.20 10.02
C VAL A 478 -8.68 -11.50 10.91
N ASP A 479 -8.19 -10.75 11.89
CA ASP A 479 -9.04 -10.21 12.95
C ASP A 479 -10.19 -9.37 12.39
N GLY A 480 -11.42 -9.72 12.80
CA GLY A 480 -12.60 -9.02 12.34
C GLY A 480 -13.26 -9.64 11.12
N TYR A 481 -12.65 -10.66 10.52
CA TYR A 481 -13.21 -11.17 9.26
C TYR A 481 -13.40 -12.68 9.24
N ARG A 482 -14.54 -13.10 8.74
CA ARG A 482 -14.81 -14.53 8.53
C ARG A 482 -14.14 -15.00 7.24
N ALA A 484 -13.60 -18.43 4.43
CA ALA A 484 -13.99 -19.75 3.97
C ALA A 484 -12.77 -20.25 3.23
N ALA A 485 -12.23 -21.40 3.65
CA ALA A 485 -10.96 -21.82 3.08
C ALA A 485 -10.79 -23.32 3.10
N LYS A 486 -9.85 -23.81 2.30
CA LYS A 486 -9.43 -25.21 2.38
C LYS A 486 -7.92 -25.30 2.29
N SER A 487 -7.34 -26.27 2.99
CA SER A 487 -5.92 -26.58 2.88
C SER A 487 -5.67 -27.89 2.17
N GLY A 488 -4.44 -28.08 1.69
CA GLY A 488 -4.03 -29.36 1.12
C GLY A 488 -2.51 -29.52 1.12
N THR A 489 -2.04 -30.72 0.80
CA THR A 489 -0.63 -30.98 0.51
C THR A 489 -0.62 -31.98 -0.60
N ALA A 490 0.52 -32.08 -1.29
CA ALA A 490 0.70 -33.04 -2.35
C ALA A 490 2.18 -33.26 -2.56
N GLU A 491 2.56 -34.48 -2.93
CA GLU A 491 3.94 -34.74 -3.30
C GLU A 491 4.26 -34.12 -4.67
N VAL A 492 5.44 -33.52 -4.75
CA VAL A 492 5.94 -32.95 -6.00
C VAL A 492 7.36 -33.48 -6.20
N ALA A 493 8.01 -33.01 -7.26
CA ALA A 493 9.36 -33.47 -7.63
C ALA A 493 10.34 -33.24 -6.48
N GLY A 494 11.00 -34.30 -6.04
CA GLY A 494 11.94 -34.21 -4.92
C GLY A 494 13.13 -33.30 -5.22
N ALA A 495 13.50 -32.46 -4.27
CA ALA A 495 14.56 -31.49 -4.48
C ALA A 495 15.25 -31.15 -3.18
N ASN A 496 16.47 -30.63 -3.30
CA ASN A 496 17.27 -30.13 -2.18
C ASN A 496 17.45 -31.11 -1.02
N GLY A 497 17.78 -32.36 -1.34
CA GLY A 497 18.09 -33.32 -0.30
C GLY A 497 16.87 -33.92 0.42
N GLN A 498 15.69 -33.40 0.14
CA GLN A 498 14.45 -33.98 0.66
C GLN A 498 14.14 -35.27 -0.09
N LEU A 499 14.07 -36.39 0.62
CA LEU A 499 13.67 -37.65 0.02
C LEU A 499 12.34 -37.51 -0.73
N THR A 500 11.38 -36.88 -0.07
CA THR A 500 10.07 -36.66 -0.68
C THR A 500 9.78 -35.17 -0.50
N SER A 501 9.46 -34.48 -1.59
CA SER A 501 9.08 -33.07 -1.46
C SER A 501 7.57 -32.95 -1.52
N ILE A 502 7.04 -31.94 -0.85
CA ILE A 502 5.61 -31.67 -0.90
C ILE A 502 5.37 -30.18 -1.12
N ILE A 503 4.15 -29.84 -1.56
CA ILE A 503 3.70 -28.48 -1.50
C ILE A 503 2.65 -28.40 -0.40
N SER A 504 2.56 -27.23 0.22
CA SER A 504 1.45 -26.84 1.08
C SER A 504 0.62 -25.82 0.29
N ASP A 505 -0.68 -26.10 0.10
CA ASP A 505 -1.54 -25.14 -0.60
C ASP A 505 -2.70 -24.74 0.27
N TYR A 506 -3.25 -23.57 -0.02
CA TYR A 506 -4.29 -23.02 0.83
C TYR A 506 -4.98 -21.97 0.01
N SER A 507 -6.31 -22.00 0.00
CA SER A 507 -7.07 -21.04 -0.76
C SER A 507 -8.20 -20.52 0.11
N THR A 508 -8.30 -19.20 0.18
CA THR A 508 -9.20 -18.53 1.09
C THR A 508 -10.15 -17.58 0.35
N ILE A 509 -11.42 -17.61 0.74
CA ILE A 509 -12.42 -16.66 0.25
C ILE A 509 -12.65 -15.70 1.40
N ILE A 510 -12.56 -14.40 1.15
CA ILE A 510 -12.66 -13.45 2.25
C ILE A 510 -13.33 -12.13 1.80
N PRO A 511 -14.22 -11.55 2.64
CA PRO A 511 -14.81 -12.19 3.84
C PRO A 511 -15.88 -13.20 3.45
N ALA A 512 -16.02 -14.27 4.22
CA ALA A 512 -16.97 -15.33 3.88
C ALA A 512 -18.43 -14.83 3.73
N ASP A 513 -18.79 -13.80 4.48
CA ASP A 513 -20.19 -13.37 4.50
C ASP A 513 -20.55 -12.35 3.40
N ASN A 514 -19.55 -11.94 2.62
CA ASN A 514 -19.76 -11.05 1.48
C ASN A 514 -18.50 -11.10 0.65
N PRO A 515 -18.27 -12.24 -0.03
CA PRO A 515 -16.94 -12.55 -0.59
C PRO A 515 -16.42 -11.46 -1.51
N ARG A 516 -15.18 -11.07 -1.31
CA ARG A 516 -14.57 -10.00 -2.10
C ARG A 516 -13.35 -10.51 -2.87
N PHE A 517 -12.52 -11.29 -2.19
CA PHE A 517 -11.31 -11.84 -2.82
C PHE A 517 -11.18 -13.32 -2.64
N VAL A 518 -10.47 -13.94 -3.57
CA VAL A 518 -9.89 -15.25 -3.34
C VAL A 518 -8.37 -15.11 -3.37
N ILE A 519 -7.73 -15.74 -2.41
CA ILE A 519 -6.30 -15.64 -2.22
C ILE A 519 -5.81 -17.04 -2.12
N THR A 520 -4.90 -17.40 -3.00
CA THR A 520 -4.35 -18.75 -2.96
C THR A 520 -2.85 -18.68 -2.80
N VAL A 521 -2.30 -19.53 -1.94
CA VAL A 521 -0.86 -19.60 -1.73
C VAL A 521 -0.39 -21.05 -1.86
N VAL A 522 0.73 -21.26 -2.54
CA VAL A 522 1.36 -22.58 -2.64
C VAL A 522 2.83 -22.45 -2.28
N LEU A 523 3.30 -23.27 -1.32
CA LEU A 523 4.70 -23.25 -0.89
C LEU A 523 5.28 -24.63 -1.04
N LYS A 524 6.50 -24.71 -1.56
CA LYS A 524 7.19 -26.00 -1.68
C LYS A 524 8.12 -26.23 -0.51
N ASP A 525 7.95 -27.37 0.14
CA ASP A 525 8.77 -27.76 1.28
C ASP A 525 8.94 -26.68 2.36
N PRO A 526 7.83 -26.11 2.87
CA PRO A 526 7.98 -25.15 3.98
C PRO A 526 8.50 -25.83 5.26
N GLN A 527 9.28 -25.11 6.05
CA GLN A 527 9.83 -25.60 7.30
C GLN A 527 9.19 -24.81 8.44
N GLY A 528 9.36 -25.24 9.68
CA GLY A 528 8.91 -24.46 10.82
C GLY A 528 7.69 -25.04 11.51
N SER A 529 7.10 -24.26 12.41
CA SER A 529 6.16 -24.82 13.36
C SER A 529 4.82 -25.21 12.74
N PHE A 530 4.56 -24.72 11.51
CA PHE A 530 3.27 -25.01 10.87
C PHE A 530 3.35 -26.13 9.85
N GLY A 531 4.56 -26.58 9.57
CA GLY A 531 4.75 -27.72 8.68
C GLY A 531 3.94 -27.63 7.40
N GLY A 532 3.13 -28.62 7.11
CA GLY A 532 2.41 -28.66 5.85
C GLY A 532 1.23 -27.72 5.77
N LEU A 533 0.94 -27.01 6.86
CA LEU A 533 -0.14 -25.99 6.87
C LEU A 533 0.38 -24.55 6.78
N THR A 534 1.66 -24.41 6.49
CA THR A 534 2.28 -23.10 6.44
C THR A 534 1.61 -22.14 5.44
N ALA A 535 1.07 -22.66 4.35
CA ALA A 535 0.42 -21.76 3.39
C ALA A 535 -0.78 -20.99 3.99
N GLY A 536 -1.43 -21.57 5.00
CA GLY A 536 -2.54 -20.89 5.66
C GLY A 536 -2.27 -19.50 6.23
N PRO A 537 -1.33 -19.39 7.18
CA PRO A 537 -1.01 -18.06 7.76
C PRO A 537 -0.53 -17.08 6.69
N VAL A 538 0.13 -17.59 5.65
CA VAL A 538 0.57 -16.74 4.55
C VAL A 538 -0.64 -16.13 3.81
N THR A 539 -1.71 -16.90 3.57
CA THR A 539 -2.86 -16.30 2.90
C THR A 539 -3.48 -15.25 3.79
N ALA A 540 -3.46 -15.51 5.10
CA ALA A 540 -4.03 -14.59 6.08
C ALA A 540 -3.27 -13.26 6.21
N GLU A 541 -1.95 -13.29 6.04
CA GLU A 541 -1.15 -12.06 6.00
C GLU A 541 -1.57 -11.19 4.79
N ILE A 542 -1.77 -11.83 3.65
CA ILE A 542 -2.24 -11.11 2.47
C ILE A 542 -3.66 -10.62 2.73
N GLY A 543 -4.51 -11.50 3.25
CA GLY A 543 -5.87 -11.15 3.61
C GLY A 543 -5.98 -9.93 4.51
N GLU A 544 -5.19 -9.90 5.58
CA GLU A 544 -5.14 -8.74 6.47
C GLU A 544 -4.83 -7.44 5.71
N PHE A 545 -3.84 -7.47 4.84
CA PHE A 545 -3.48 -6.27 4.08
C PHE A 545 -4.65 -5.81 3.19
N LEU A 546 -5.32 -6.75 2.53
CA LEU A 546 -6.42 -6.43 1.61
C LEU A 546 -7.65 -5.82 2.28
N GLN A 548 -7.58 -4.07 5.01
CA GLN A 548 -7.17 -2.71 5.42
C GLN A 548 -7.08 -1.77 4.22
N LYS A 549 -6.44 -2.25 3.14
CA LYS A 549 -6.28 -1.41 1.95
C LYS A 549 -7.62 -0.99 1.37
N TYR A 550 -8.53 -1.93 1.22
CA TYR A 550 -9.82 -1.60 0.59
C TYR A 550 -10.89 -1.23 1.60
N GLU A 551 -10.49 -1.11 2.87
CA GLU A 551 -11.40 -0.66 3.92
C GLU A 551 -12.67 -1.51 3.92
N VAL A 552 -12.50 -2.83 3.91
CA VAL A 552 -13.63 -3.75 3.84
C VAL A 552 -14.35 -3.76 5.19
N PRO A 553 -15.68 -3.60 5.19
CA PRO A 553 -16.40 -3.65 6.46
C PRO A 553 -16.21 -5.00 7.17
N ALA A 554 -16.05 -4.96 8.49
CA ALA A 554 -15.90 -6.17 9.29
C ALA A 554 -17.07 -7.14 9.11
N SER A 555 -16.80 -8.44 9.27
CA SER A 555 -17.86 -9.44 9.14
C SER A 555 -18.93 -9.31 10.22
N SER A 556 -20.13 -9.79 9.91
CA SER A 556 -21.17 -10.00 10.90
C SER A 556 -21.01 -11.37 11.56
N PRO A 557 -21.58 -11.55 12.76
CA PRO A 557 -21.47 -12.85 13.43
C PRO A 557 -22.02 -14.00 12.57
N ARG A 558 -21.35 -15.14 12.60
CA ARG A 558 -21.82 -16.35 11.95
C ARG A 558 -23.01 -16.96 12.72
N THR A 559 -24.16 -17.15 12.05
CA THR A 559 -25.33 -17.68 12.74
C THR A 559 -25.93 -18.93 12.10
N ASP A 560 -25.35 -19.40 10.99
CA ASP A 560 -26.00 -20.48 10.26
C ASP A 560 -25.09 -21.68 9.97
N ALA A 561 -24.14 -21.96 10.85
CA ALA A 561 -23.15 -23.01 10.58
C ALA A 561 -23.83 -24.35 10.33
N ILE A 562 -23.44 -25.04 9.27
CA ILE A 562 -23.96 -26.38 9.05
C ILE A 562 -23.10 -27.31 9.90
N PRO A 563 -23.75 -28.19 10.69
CA PRO A 563 -22.99 -29.07 11.60
C PRO A 563 -21.97 -29.95 10.89
N VAL A 564 -20.81 -30.10 11.52
CA VAL A 564 -19.72 -30.90 10.95
C VAL A 564 -19.66 -32.29 11.58
N ASN A 565 -20.40 -32.48 12.67
CA ASN A 565 -20.51 -33.81 13.26
C ASN A 565 -21.92 -34.10 13.73
N TRP A 566 -22.14 -35.30 14.26
CA TRP A 566 -23.42 -35.67 14.81
C TRP A 566 -23.18 -36.61 15.99
N SER B 21 -41.99 35.60 34.37
CA SER B 21 -42.45 34.22 34.27
C SER B 21 -41.29 33.30 33.88
N ARG B 22 -41.11 32.23 34.64
CA ARG B 22 -40.03 31.27 34.40
C ARG B 22 -40.13 30.68 33.00
N THR B 23 -38.97 30.39 32.40
CA THR B 23 -38.91 29.96 31.01
C THR B 23 -38.77 28.44 30.87
N THR B 24 -38.43 28.02 29.65
CA THR B 24 -38.07 26.65 29.36
C THR B 24 -37.02 26.67 28.26
N THR B 25 -35.99 25.84 28.41
CA THR B 25 -34.85 25.92 27.51
C THR B 25 -34.45 24.56 26.95
N VAL B 26 -34.13 24.55 25.66
CA VAL B 26 -33.63 23.35 25.00
C VAL B 26 -32.14 23.55 24.73
N THR B 27 -31.35 22.51 24.98
CA THR B 27 -29.95 22.53 24.61
C THR B 27 -29.75 21.85 23.26
N LEU B 28 -29.14 22.55 22.32
CA LEU B 28 -28.83 22.00 21.01
C LEU B 28 -27.37 21.54 20.97
N LYS B 29 -27.16 20.26 21.28
CA LYS B 29 -25.81 19.68 21.36
C LYS B 29 -25.11 19.62 20.00
N ALA B 30 -23.99 20.31 19.88
CA ALA B 30 -23.16 20.27 18.67
C ALA B 30 -22.65 18.85 18.43
N ARG B 31 -22.47 18.49 17.18
CA ARG B 31 -22.00 17.13 16.86
C ARG B 31 -20.50 17.06 16.54
N ARG B 32 -19.79 16.18 17.26
CA ARG B 32 -18.33 16.08 17.15
C ARG B 32 -17.84 15.74 15.74
N GLY B 33 -16.84 16.49 15.29
CA GLY B 33 -16.29 16.33 13.96
C GLY B 33 -15.49 15.04 13.81
N LYS B 34 -15.03 14.79 12.60
CA LYS B 34 -14.24 13.60 12.35
C LYS B 34 -12.75 13.90 12.52
N ILE B 35 -11.95 12.86 12.71
CA ILE B 35 -10.50 12.95 12.57
C ILE B 35 -10.15 12.05 11.40
N ASP B 37 -7.25 10.95 8.08
CA ASP B 37 -5.87 10.95 7.64
C ASP B 37 -5.70 11.92 6.47
N THR B 38 -4.48 12.09 6.00
CA THR B 38 -4.19 13.09 4.98
C THR B 38 -4.94 12.88 3.65
N ASN B 39 -5.62 11.75 3.52
CA ASN B 39 -6.44 11.48 2.34
C ASN B 39 -7.92 11.39 2.68
N GLY B 40 -8.24 11.73 3.92
CA GLY B 40 -9.62 11.80 4.36
C GLY B 40 -10.19 10.53 4.94
N ALA B 41 -9.36 9.50 5.12
CA ALA B 41 -9.86 8.25 5.67
C ALA B 41 -10.27 8.45 7.13
N ILE B 42 -11.49 8.04 7.45
CA ILE B 42 -12.01 8.29 8.79
C ILE B 42 -11.31 7.43 9.82
N LEU B 43 -10.64 8.08 10.75
CA LEU B 43 -9.95 7.41 11.84
C LEU B 43 -10.83 7.51 13.05
N ALA B 44 -11.49 8.66 13.17
CA ALA B 44 -12.39 8.95 14.27
C ALA B 44 -13.68 9.56 13.73
N GLN B 45 -14.81 9.20 14.33
CA GLN B 45 -16.09 9.83 14.01
C GLN B 45 -17.15 9.47 15.03
N SER B 46 -18.14 10.34 15.15
CA SER B 46 -19.28 10.11 16.01
C SER B 46 -20.44 9.58 15.18
N VAL B 47 -21.12 8.57 15.71
CA VAL B 47 -22.32 8.05 15.08
C VAL B 47 -23.51 8.66 15.80
N GLU B 48 -24.29 9.49 15.08
CA GLU B 48 -25.42 10.16 15.70
C GLU B 48 -26.49 9.16 16.15
N ARG B 49 -26.48 8.84 17.43
CA ARG B 49 -27.46 7.92 18.03
C ARG B 49 -27.98 8.47 19.36
N TYR B 50 -29.15 7.99 19.80
CA TYR B 50 -29.79 8.52 21.01
C TYR B 50 -30.34 7.44 21.94
N THR B 51 -30.30 7.71 23.25
CA THR B 51 -30.94 6.83 24.24
C THR B 51 -32.19 7.48 24.84
N ILE B 52 -33.30 6.73 24.88
CA ILE B 52 -34.59 7.29 25.31
C ILE B 52 -34.93 7.01 26.78
N ILE B 53 -35.10 8.08 27.54
CA ILE B 53 -35.36 7.98 28.97
C ILE B 53 -36.75 8.52 29.32
N GLY B 54 -37.46 7.82 30.20
CA GLY B 54 -38.74 8.29 30.72
C GLY B 54 -38.69 8.65 32.20
N ASN B 55 -39.55 9.58 32.58
CA ASN B 55 -39.70 10.04 33.97
C ASN B 55 -41.01 9.51 34.51
N PRO B 56 -40.96 8.41 35.27
CA PRO B 56 -42.13 7.68 35.78
C PRO B 56 -43.14 8.56 36.52
N GLU B 57 -42.65 9.41 37.42
CA GLU B 57 -43.54 10.28 38.16
C GLU B 57 -44.30 11.25 37.26
N GLN B 58 -43.61 11.77 36.24
CA GLN B 58 -44.25 12.66 35.28
C GLN B 58 -45.25 11.91 34.41
N ALA B 59 -44.85 10.71 33.98
CA ALA B 59 -45.72 9.84 33.22
C ALA B 59 -47.02 9.58 33.99
N GLN B 60 -46.89 9.33 35.28
CA GLN B 60 -48.04 9.04 36.15
C GLN B 60 -48.97 10.24 36.31
N ALA B 61 -48.40 11.44 36.20
CA ALA B 61 -49.17 12.67 36.33
C ALA B 61 -49.77 13.11 35.00
N PHE B 62 -49.42 12.42 33.92
CA PHE B 62 -49.78 12.83 32.57
C PHE B 62 -51.29 12.72 32.27
N ILE B 63 -51.84 13.79 31.70
CA ILE B 63 -53.20 13.80 31.18
C ILE B 63 -53.18 14.32 29.74
N PRO B 64 -53.59 13.48 28.78
CA PRO B 64 -53.42 13.87 27.37
C PRO B 64 -54.23 15.11 26.97
N THR B 65 -53.74 15.82 25.97
CA THR B 65 -54.37 17.03 25.48
C THR B 65 -55.16 16.75 24.20
N THR B 66 -56.45 17.06 24.22
CA THR B 66 -57.33 16.87 23.07
C THR B 66 -56.95 17.82 21.93
N CYS B 67 -56.93 17.31 20.71
CA CYS B 67 -56.64 18.14 19.53
C CYS B 67 -57.78 19.08 19.18
N THR B 68 -57.48 20.36 19.03
CA THR B 68 -58.46 21.36 18.61
C THR B 68 -57.80 22.31 17.63
N LYS B 69 -58.56 23.29 17.15
CA LYS B 69 -57.98 24.29 16.27
C LYS B 69 -56.92 25.10 17.01
N GLN B 70 -57.18 25.40 18.28
CA GLN B 70 -56.27 26.26 19.05
C GLN B 70 -54.93 25.58 19.41
N THR B 71 -54.95 24.27 19.64
CA THR B 71 -53.71 23.60 20.03
C THR B 71 -52.82 23.30 18.83
N GLY B 72 -53.40 23.41 17.63
CA GLY B 72 -52.72 22.96 16.44
C GLY B 72 -52.30 21.50 16.60
N SER B 73 -51.04 21.22 16.33
CA SER B 73 -50.52 19.87 16.47
C SER B 73 -49.87 19.67 17.85
N ASN B 74 -50.00 20.68 18.70
CA ASN B 74 -49.53 20.55 20.07
C ASN B 74 -50.60 19.86 20.93
N CYS B 75 -50.76 18.55 20.70
CA CYS B 75 -51.81 17.76 21.33
C CYS B 75 -51.47 16.28 21.21
N HIS B 76 -52.33 15.43 21.77
CA HIS B 76 -52.09 14.00 21.76
C HIS B 76 -53.24 13.26 21.07
N GLN B 77 -52.88 12.29 20.24
CA GLN B 77 -53.80 11.72 19.30
C GLN B 77 -53.36 10.29 19.01
N ILE B 78 -54.31 9.37 18.95
CA ILE B 78 -54.05 8.02 18.46
C ILE B 78 -55.14 7.64 17.48
N ASN B 79 -54.76 7.12 16.32
CA ASN B 79 -55.73 6.85 15.24
C ASN B 79 -56.53 8.09 14.86
N GLY B 80 -55.90 9.26 14.95
CA GLY B 80 -56.57 10.51 14.67
C GLY B 80 -57.63 10.90 15.70
N LYS B 81 -57.65 10.22 16.85
CA LYS B 81 -58.66 10.45 17.88
C LYS B 81 -57.99 10.70 19.25
N PRO B 82 -58.69 11.37 20.17
CA PRO B 82 -58.13 11.63 21.51
C PRO B 82 -57.79 10.35 22.27
N VAL B 83 -56.82 10.42 23.17
CA VAL B 83 -56.39 9.27 23.95
C VAL B 83 -57.34 9.08 25.13
N GLY B 84 -57.98 7.92 25.22
CA GLY B 84 -59.00 7.67 26.22
C GLY B 84 -58.49 7.16 27.56
N VAL B 85 -57.19 6.91 27.64
CA VAL B 85 -56.57 6.57 28.92
C VAL B 85 -55.68 7.72 29.40
N THR B 86 -55.10 7.54 30.58
CA THR B 86 -54.34 8.61 31.21
C THR B 86 -53.13 8.03 31.92
N GLY B 87 -52.24 8.89 32.41
CA GLY B 87 -51.09 8.45 33.16
C GLY B 87 -50.10 7.64 32.35
N ALA B 88 -49.45 6.68 33.01
CA ALA B 88 -48.45 5.86 32.35
C ALA B 88 -49.06 5.06 31.22
N ALA B 89 -50.35 4.76 31.34
CA ALA B 89 -51.06 4.02 30.29
C ALA B 89 -51.06 4.80 28.98
N ALA B 90 -51.41 6.08 29.04
CA ALA B 90 -51.41 6.94 27.86
C ALA B 90 -50.00 7.09 27.27
N VAL B 91 -49.02 7.40 28.12
CA VAL B 91 -47.63 7.55 27.69
C VAL B 91 -47.12 6.31 26.96
N ALA B 92 -47.36 5.15 27.54
CA ALA B 92 -46.93 3.88 26.96
C ALA B 92 -47.57 3.61 25.61
N ARG B 93 -48.83 3.99 25.46
CA ARG B 93 -49.54 3.75 24.21
C ARG B 93 -49.08 4.70 23.12
N LEU B 94 -48.72 5.92 23.50
CA LEU B 94 -48.19 6.88 22.55
C LEU B 94 -46.81 6.42 22.06
N LEU B 95 -46.02 5.90 23.00
CA LEU B 95 -44.65 5.51 22.71
C LEU B 95 -44.52 4.21 21.95
N ALA B 96 -45.41 3.26 22.22
CA ALA B 96 -45.30 1.89 21.69
C ALA B 96 -45.02 1.79 20.17
N PRO B 97 -45.86 2.41 19.32
CA PRO B 97 -45.52 2.27 17.90
C PRO B 97 -44.23 2.95 17.49
N VAL B 98 -43.91 4.10 18.08
CA VAL B 98 -42.71 4.85 17.69
C VAL B 98 -41.43 4.10 18.05
N LEU B 99 -41.44 3.44 19.21
CA LEU B 99 -40.26 2.73 19.70
C LEU B 99 -40.26 1.25 19.34
N GLY B 100 -41.35 0.80 18.71
CA GLY B 100 -41.51 -0.59 18.36
C GLY B 100 -41.53 -1.54 19.55
N ASP B 102 -43.86 -3.14 23.20
CA ASP B 102 -45.18 -3.47 23.73
C ASP B 102 -45.57 -2.44 24.78
N ALA B 103 -46.79 -1.93 24.67
CA ALA B 103 -47.29 -0.88 25.55
C ALA B 103 -47.38 -1.31 27.02
N THR B 104 -47.72 -2.57 27.25
CA THR B 104 -47.80 -3.10 28.61
C THR B 104 -46.43 -3.09 29.29
N GLU B 105 -45.38 -3.35 28.52
CA GLU B 105 -44.03 -3.33 29.05
C GLU B 105 -43.60 -1.90 29.41
N LEU B 106 -43.92 -0.96 28.54
CA LEU B 106 -43.60 0.44 28.76
C LEU B 106 -44.37 1.00 29.96
N GLY B 107 -45.63 0.59 30.08
CA GLY B 107 -46.48 1.05 31.17
C GLY B 107 -45.96 0.63 32.53
N ALA B 108 -45.57 -0.64 32.63
CA ALA B 108 -45.06 -1.17 33.89
C ALA B 108 -43.74 -0.50 34.27
N LYS B 109 -42.93 -0.19 33.28
CA LYS B 109 -41.65 0.48 33.48
C LYS B 109 -41.82 1.95 33.87
N LEU B 110 -42.97 2.53 33.51
CA LEU B 110 -43.27 3.92 33.81
C LEU B 110 -44.17 4.02 35.05
N SER B 111 -44.42 2.86 35.67
CA SER B 111 -45.27 2.81 36.85
C SER B 111 -44.44 2.69 38.14
N ILE B 112 -43.11 2.66 38.00
CA ILE B 112 -42.24 2.55 39.17
C ILE B 112 -42.10 3.91 39.86
N SER B 113 -41.50 3.90 41.05
CA SER B 113 -41.22 5.14 41.76
C SER B 113 -39.99 5.80 41.14
N GLY B 114 -39.72 7.04 41.54
CA GLY B 114 -38.55 7.75 41.05
C GLY B 114 -38.82 8.54 39.78
N GLN B 115 -37.76 9.15 39.25
CA GLN B 115 -37.89 10.04 38.11
C GLN B 115 -37.02 9.59 36.95
N TYR B 116 -36.53 8.36 37.04
CA TYR B 116 -35.64 7.83 36.01
C TYR B 116 -35.98 6.38 35.69
N VAL B 117 -36.00 6.08 34.41
CA VAL B 117 -36.12 4.71 33.94
C VAL B 117 -35.68 4.68 32.48
N VAL B 118 -34.98 3.62 32.09
CA VAL B 118 -34.50 3.51 30.73
C VAL B 118 -35.62 2.92 29.89
N LEU B 119 -35.84 3.48 28.70
CA LEU B 119 -36.87 2.95 27.82
C LEU B 119 -36.25 2.20 26.63
N LYS B 120 -35.40 2.88 25.88
CA LYS B 120 -34.71 2.24 24.76
C LYS B 120 -33.35 2.87 24.50
N LYS B 121 -32.38 2.04 24.13
CA LYS B 121 -31.03 2.49 23.82
C LYS B 121 -30.79 2.44 22.32
N ASP B 122 -29.92 3.34 21.85
CA ASP B 122 -29.47 3.34 20.46
C ASP B 122 -30.62 3.42 19.46
N VAL B 123 -31.23 4.59 19.36
CA VAL B 123 -32.25 4.83 18.35
C VAL B 123 -31.75 5.87 17.36
N THR B 124 -32.24 5.81 16.12
CA THR B 124 -31.80 6.70 15.05
C THR B 124 -32.32 8.13 15.23
N PRO B 125 -31.63 9.12 14.63
CA PRO B 125 -32.11 10.51 14.66
C PRO B 125 -33.56 10.57 14.19
N ALA B 126 -33.85 9.82 13.14
CA ALA B 126 -35.20 9.73 12.59
C ALA B 126 -36.26 9.37 13.64
N VAL B 127 -35.94 8.38 14.47
CA VAL B 127 -36.82 7.93 15.55
C VAL B 127 -36.92 9.00 16.65
N LYS B 128 -35.77 9.57 17.02
CA LYS B 128 -35.73 10.65 18.01
C LYS B 128 -36.63 11.81 17.58
N ARG B 129 -36.59 12.14 16.29
CA ARG B 129 -37.50 13.14 15.73
C ARG B 129 -38.96 12.70 15.82
N LYS B 130 -39.20 11.40 15.78
CA LYS B 130 -40.55 10.86 15.87
C LYS B 130 -41.11 10.99 17.29
N ILE B 131 -40.24 10.83 18.28
CA ILE B 131 -40.62 10.95 19.68
C ILE B 131 -40.98 12.39 20.04
N SER B 132 -40.20 13.33 19.50
CA SER B 132 -40.46 14.76 19.67
C SER B 132 -41.87 15.13 19.27
N LYS B 133 -42.36 14.53 18.18
CA LYS B 133 -43.68 14.83 17.66
C LYS B 133 -44.80 14.25 18.53
N LEU B 134 -44.43 13.48 19.57
CA LEU B 134 -45.43 12.94 20.50
C LEU B 134 -45.82 13.96 21.56
N ASN B 135 -45.08 15.07 21.64
CA ASN B 135 -45.35 16.13 22.62
C ASN B 135 -45.37 15.60 24.05
N LEU B 136 -44.35 14.82 24.40
CA LEU B 136 -44.20 14.25 25.72
C LEU B 136 -42.98 14.84 26.44
N GLY B 137 -42.70 16.11 26.18
CA GLY B 137 -41.54 16.77 26.79
C GLY B 137 -41.71 16.88 28.29
N GLY B 138 -40.65 16.58 29.03
CA GLY B 138 -40.71 16.60 30.48
C GLY B 138 -41.14 15.27 31.05
N ILE B 139 -41.48 14.34 30.16
CA ILE B 139 -41.83 12.98 30.55
C ILE B 139 -40.86 12.00 29.91
N VAL B 140 -40.53 12.26 28.66
CA VAL B 140 -39.58 11.44 27.93
C VAL B 140 -38.54 12.34 27.26
N TYR B 141 -37.30 11.87 27.18
CA TYR B 141 -36.25 12.63 26.52
C TYR B 141 -35.17 11.73 25.94
N ALA B 142 -34.38 12.31 25.03
CA ALA B 142 -33.39 11.54 24.29
C ALA B 142 -31.98 11.92 24.72
N GLU B 143 -31.23 10.95 25.25
CA GLU B 143 -29.84 11.19 25.68
C GLU B 143 -28.85 10.89 24.55
N LEU B 144 -28.32 11.95 23.94
CA LEU B 144 -27.47 11.84 22.75
C LEU B 144 -26.17 11.06 22.97
N GLU B 147 -21.18 8.17 20.92
CA GLU B 147 -20.05 7.23 20.97
C GLU B 147 -19.12 7.44 19.79
N ARG B 148 -17.84 7.18 20.02
CA ARG B 148 -16.78 7.48 19.06
C ARG B 148 -16.32 6.20 18.37
N LEU B 149 -16.44 6.18 17.04
CA LEU B 149 -16.03 5.02 16.26
C LEU B 149 -14.58 5.18 15.77
N TYR B 150 -13.79 4.12 15.90
CA TYR B 150 -12.42 4.11 15.38
C TYR B 150 -12.24 2.91 14.47
N SER B 151 -12.43 3.15 13.17
CA SER B 151 -12.59 2.04 12.24
C SER B 151 -11.31 1.24 12.01
N ASN B 152 -10.15 1.88 12.15
CA ASN B 152 -8.87 1.20 11.96
C ASN B 152 -8.37 0.49 13.21
N GLY B 153 -9.16 0.58 14.30
CA GLY B 153 -8.86 -0.14 15.51
C GLY B 153 -7.58 0.26 16.22
N THR B 154 -6.63 -0.69 16.29
CA THR B 154 -5.39 -0.51 17.04
C THR B 154 -4.38 0.36 16.29
N LEU B 155 -4.68 0.70 15.05
CA LEU B 155 -3.86 1.61 14.28
C LEU B 155 -3.69 2.90 15.05
N GLY B 157 -3.27 3.77 18.00
CA GLY B 157 -4.21 3.86 19.10
C GLY B 157 -3.87 4.91 20.14
N SER B 158 -2.66 4.81 20.69
CA SER B 158 -2.25 5.72 21.74
C SER B 158 -2.20 7.15 21.24
N LEU B 159 -1.99 7.31 19.94
CA LEU B 159 -1.90 8.64 19.34
C LEU B 159 -3.28 9.27 19.18
N LEU B 160 -4.24 8.51 18.69
CA LEU B 160 -5.62 9.02 18.58
C LEU B 160 -6.13 9.39 19.96
N GLY B 161 -5.87 8.51 20.93
CA GLY B 161 -6.28 8.78 22.30
C GLY B 161 -7.71 8.35 22.49
N GLY B 162 -8.61 9.33 22.60
CA GLY B 162 -10.02 9.06 22.74
C GLY B 162 -10.77 10.14 23.49
N VAL B 163 -12.09 9.97 23.58
CA VAL B 163 -12.96 10.91 24.26
C VAL B 163 -13.54 10.29 25.54
N ASP B 164 -14.08 11.12 26.42
CA ASP B 164 -14.72 10.62 27.64
C ASP B 164 -16.21 10.39 27.44
N ALA B 165 -16.86 9.82 28.45
CA ALA B 165 -18.29 9.52 28.38
C ALA B 165 -19.15 10.74 28.03
N ASP B 166 -18.65 11.93 28.35
CA ASP B 166 -19.36 13.16 28.03
C ASP B 166 -19.03 13.70 26.64
N GLY B 167 -18.08 13.06 25.96
CA GLY B 167 -17.71 13.43 24.61
C GLY B 167 -16.60 14.46 24.51
N LYS B 168 -15.90 14.69 25.61
CA LYS B 168 -14.74 15.59 25.62
C LYS B 168 -13.47 14.80 25.30
N GLY B 169 -12.61 15.37 24.45
CA GLY B 169 -11.36 14.72 24.10
C GLY B 169 -10.40 14.77 25.27
N VAL B 170 -10.00 13.61 25.77
CA VAL B 170 -9.13 13.55 26.95
C VAL B 170 -7.75 12.93 26.70
N ALA B 171 -7.47 12.60 25.44
CA ALA B 171 -6.15 12.06 25.09
C ALA B 171 -5.86 12.19 23.59
N GLY B 172 -4.58 12.19 23.24
CA GLY B 172 -4.16 12.17 21.85
C GLY B 172 -4.63 13.37 21.06
N ILE B 173 -4.94 13.13 19.78
CA ILE B 173 -5.45 14.20 18.90
C ILE B 173 -6.84 14.69 19.34
N GLU B 174 -7.57 13.82 20.03
CA GLU B 174 -8.89 14.18 20.54
C GLU B 174 -8.77 15.31 21.56
N GLN B 175 -7.77 15.19 22.44
CA GLN B 175 -7.55 16.16 23.49
C GLN B 175 -6.95 17.44 22.94
N GLU B 177 -7.12 18.74 19.81
CA GLU B 177 -7.99 19.50 18.92
C GLU B 177 -9.44 19.43 19.38
N ASN B 178 -9.65 19.35 20.69
CA ASN B 178 -11.00 19.27 21.24
C ASN B 178 -11.89 20.43 20.81
N LYS B 179 -11.45 21.65 21.12
CA LYS B 179 -12.20 22.86 20.80
C LYS B 179 -12.65 22.87 19.34
N THR B 180 -11.73 22.54 18.45
CA THR B 180 -12.01 22.49 17.02
C THR B 180 -13.02 21.39 16.70
N LEU B 181 -12.81 20.21 17.29
CA LEU B 181 -13.70 19.07 17.05
C LEU B 181 -15.02 19.20 17.81
N THR B 182 -15.00 19.86 18.96
CA THR B 182 -16.20 20.00 19.80
C THR B 182 -17.30 20.87 19.18
N GLY B 183 -16.92 22.05 18.69
CA GLY B 183 -17.88 22.98 18.13
C GLY B 183 -18.60 23.77 19.20
N ARG B 184 -19.72 24.40 18.84
CA ARG B 184 -20.47 25.25 19.77
C ARG B 184 -21.91 24.80 19.96
N ASP B 185 -22.27 24.53 21.21
CA ASP B 185 -23.65 24.14 21.53
C ASP B 185 -24.62 25.28 21.25
N GLY B 186 -25.86 24.93 20.97
CA GLY B 186 -26.87 25.93 20.67
C GLY B 186 -27.98 25.87 21.71
N TYR B 187 -29.04 26.64 21.49
CA TYR B 187 -30.15 26.68 22.43
C TYR B 187 -31.44 27.15 21.79
N GLN B 188 -32.55 26.82 22.43
CA GLN B 188 -33.86 27.35 22.08
C GLN B 188 -34.57 27.75 23.36
N VAL B 189 -35.11 28.97 23.37
CA VAL B 189 -35.84 29.48 24.53
C VAL B 189 -37.33 29.46 24.26
N TYR B 190 -38.09 28.86 25.17
CA TYR B 190 -39.55 28.76 25.02
C TYR B 190 -40.27 29.41 26.20
N GLN B 191 -41.38 30.09 25.90
CA GLN B 191 -42.16 30.78 26.91
C GLN B 191 -43.29 29.90 27.44
N GLN B 192 -42.93 28.83 28.13
CA GLN B 192 -43.91 27.85 28.61
C GLN B 192 -44.77 28.38 29.76
N GLY B 193 -44.45 29.58 30.23
CA GLY B 193 -45.27 30.21 31.25
C GLY B 193 -46.61 30.65 30.69
N ASN B 194 -47.18 31.70 31.28
CA ASN B 194 -48.45 32.23 30.79
C ASN B 194 -48.63 33.70 31.18
N SER B 195 -47.62 34.51 30.86
CA SER B 195 -47.69 35.94 31.13
C SER B 195 -48.76 36.63 30.28
N GLY B 196 -48.51 36.71 28.97
CA GLY B 196 -49.48 37.26 28.05
C GLY B 196 -48.89 38.12 26.93
N VAL B 197 -47.59 38.00 26.69
CA VAL B 197 -46.93 38.77 25.64
C VAL B 197 -46.85 37.93 24.36
N GLU B 198 -46.62 36.63 24.55
CA GLU B 198 -46.69 35.65 23.48
C GLU B 198 -47.54 34.53 24.03
N ILE B 199 -48.12 33.71 23.15
CA ILE B 199 -48.92 32.59 23.61
C ILE B 199 -48.00 31.55 24.23
N PRO B 200 -48.54 30.71 25.14
CA PRO B 200 -47.71 29.68 25.78
C PRO B 200 -47.02 28.77 24.76
N GLY B 201 -45.76 28.44 25.00
CA GLY B 201 -45.02 27.54 24.13
C GLY B 201 -44.28 28.23 23.00
N THR B 202 -44.46 29.55 22.90
CA THR B 202 -43.80 30.33 21.85
C THR B 202 -42.29 30.36 22.06
N THR B 204 -39.11 32.44 21.65
CA THR B 204 -38.76 33.85 21.46
C THR B 204 -37.30 34.12 21.13
N GLU B 205 -36.44 33.14 21.36
CA GLU B 205 -35.02 33.30 21.11
C GLU B 205 -34.40 32.00 20.62
N SER B 206 -33.50 32.10 19.64
CA SER B 206 -32.86 30.90 19.09
C SER B 206 -31.40 31.11 18.75
N LYS B 207 -30.64 30.02 18.78
CA LYS B 207 -29.24 30.02 18.42
C LYS B 207 -28.92 28.66 17.85
N ASP B 208 -28.48 28.62 16.59
CA ASP B 208 -28.17 27.36 15.95
C ASP B 208 -26.90 26.77 16.56
N ALA B 209 -26.93 25.46 16.79
CA ALA B 209 -25.74 24.75 17.22
C ALA B 209 -24.74 24.72 16.06
N VAL B 210 -23.51 25.15 16.33
CA VAL B 210 -22.44 25.10 15.33
C VAL B 210 -21.70 23.78 15.48
N ASN B 211 -21.77 22.93 14.45
CA ASN B 211 -21.18 21.60 14.52
C ASN B 211 -19.67 21.62 14.33
N GLY B 212 -18.95 21.04 15.29
CA GLY B 212 -17.50 20.99 15.29
C GLY B 212 -16.91 20.59 13.94
N SER B 213 -15.85 21.28 13.54
CA SER B 213 -15.27 21.06 12.23
C SER B 213 -14.56 19.71 12.14
N ASP B 214 -14.07 19.38 10.95
CA ASP B 214 -13.40 18.11 10.72
C ASP B 214 -11.89 18.36 10.67
N VAL B 215 -11.11 17.41 11.18
CA VAL B 215 -9.65 17.56 11.25
C VAL B 215 -8.92 16.55 10.39
N THR B 216 -8.13 17.07 9.45
CA THR B 216 -7.32 16.21 8.59
C THR B 216 -5.87 16.21 9.11
N LEU B 217 -5.35 15.01 9.38
CA LEU B 217 -3.99 14.85 9.86
C LEU B 217 -3.04 14.78 8.69
N THR B 218 -1.75 15.00 8.97
CA THR B 218 -0.72 14.79 7.97
C THR B 218 -0.41 13.30 7.86
N ILE B 219 -0.72 12.59 8.93
CA ILE B 219 -0.48 11.15 9.03
C ILE B 219 -1.12 10.39 7.88
N ASP B 220 -0.35 9.52 7.24
CA ASP B 220 -0.90 8.64 6.21
C ASP B 220 -1.21 7.26 6.78
N ARG B 221 -2.48 6.87 6.63
CA ARG B 221 -2.97 5.63 7.19
C ARG B 221 -2.14 4.40 6.78
N ASP B 222 -1.76 4.32 5.52
CA ASP B 222 -0.99 3.19 4.99
C ASP B 222 0.48 3.18 5.46
N VAL B 223 1.08 4.37 5.55
CA VAL B 223 2.44 4.50 6.08
C VAL B 223 2.49 4.16 7.57
N GLN B 224 1.55 4.71 8.32
CA GLN B 224 1.43 4.41 9.74
C GLN B 224 1.22 2.91 9.96
N TRP B 225 0.40 2.29 9.14
CA TRP B 225 0.12 0.87 9.30
C TRP B 225 1.36 0.01 8.98
N TYR B 226 2.05 0.32 7.89
CA TYR B 226 3.24 -0.47 7.56
C TYR B 226 4.34 -0.26 8.59
N THR B 227 4.50 0.97 9.05
CA THR B 227 5.49 1.32 10.07
C THR B 227 5.22 0.56 11.38
N GLU B 228 3.97 0.56 11.83
CA GLU B 228 3.58 -0.23 12.99
C GLU B 228 3.83 -1.74 12.79
N LYS B 229 3.57 -2.24 11.60
CA LYS B 229 3.84 -3.64 11.26
C LYS B 229 5.35 -3.92 11.37
N VAL B 230 6.16 -3.04 10.81
CA VAL B 230 7.61 -3.21 10.86
C VAL B 230 8.10 -3.25 12.29
N LEU B 231 7.56 -2.38 13.13
CA LEU B 231 7.99 -2.34 14.52
C LEU B 231 7.63 -3.62 15.30
N SER B 232 6.46 -4.19 15.02
CA SER B 232 6.05 -5.46 15.62
C SER B 232 6.94 -6.61 15.16
N ASP B 233 7.16 -6.70 13.85
CA ASP B 233 8.07 -7.71 13.29
C ASP B 233 9.44 -7.60 13.93
N SER B 234 9.84 -6.36 14.21
CA SER B 234 11.15 -6.07 14.80
C SER B 234 11.27 -6.52 16.25
N GLU B 235 10.17 -6.44 16.99
CA GLU B 235 10.14 -6.97 18.36
C GLU B 235 10.45 -8.46 18.31
N ASN B 236 9.80 -9.17 17.38
CA ASN B 236 10.07 -10.58 17.19
C ASN B 236 11.49 -10.89 16.81
N LYS B 237 12.05 -10.15 15.87
CA LYS B 237 13.40 -10.44 15.39
C LYS B 237 14.45 -10.07 16.43
N TYR B 238 14.26 -8.95 17.12
CA TYR B 238 15.36 -8.35 17.88
C TYR B 238 15.09 -8.24 19.40
N HIS B 239 13.90 -8.64 19.80
CA HIS B 239 13.54 -8.76 21.23
C HIS B 239 13.69 -7.46 22.01
N SER B 240 13.48 -6.32 21.36
CA SER B 240 13.71 -5.03 22.00
C SER B 240 12.77 -4.80 23.17
N ALA B 241 13.22 -4.00 24.14
CA ALA B 241 12.32 -3.54 25.19
C ALA B 241 11.13 -2.90 24.47
N TRP B 242 11.42 -1.86 23.70
CA TRP B 242 10.43 -1.28 22.81
C TRP B 242 11.07 -0.76 21.53
N GLY B 243 10.24 -0.19 20.66
CA GLY B 243 10.74 0.43 19.46
C GLY B 243 9.82 1.58 19.09
N ILE B 244 10.39 2.64 18.53
CA ILE B 244 9.57 3.73 18.02
C ILE B 244 10.10 4.17 16.66
N ALA B 245 9.22 4.74 15.85
CA ALA B 245 9.62 5.18 14.54
C ALA B 245 8.82 6.39 14.09
N VAL B 247 8.27 9.05 10.43
CA VAL B 247 8.57 9.40 9.05
C VAL B 247 8.12 10.84 8.85
N GLN B 248 9.04 11.69 8.38
CA GLN B 248 8.75 13.10 8.17
C GLN B 248 9.00 13.49 6.72
N ASP B 249 8.06 14.24 6.14
CA ASP B 249 8.26 14.81 4.80
C ASP B 249 9.21 16.00 4.89
N VAL B 250 10.26 15.96 4.07
CA VAL B 250 11.36 16.92 4.15
C VAL B 250 10.96 18.34 3.80
N GLN B 251 10.20 18.48 2.72
CA GLN B 251 9.87 19.79 2.15
C GLN B 251 8.93 20.59 3.03
N SER B 252 8.04 19.89 3.73
CA SER B 252 6.96 20.57 4.47
C SER B 252 7.08 20.46 5.98
N GLY B 253 7.75 19.41 6.46
CA GLY B 253 7.81 19.14 7.88
C GLY B 253 6.56 18.42 8.36
N ASP B 254 5.79 17.90 7.42
CA ASP B 254 4.60 17.13 7.77
C ASP B 254 4.97 15.72 8.26
N ILE B 255 4.22 15.23 9.25
CA ILE B 255 4.50 13.93 9.86
C ILE B 255 3.60 12.87 9.24
N LEU B 256 4.21 11.92 8.53
CA LEU B 256 3.47 10.90 7.80
C LEU B 256 3.16 9.70 8.69
N ALA B 257 4.03 9.49 9.66
CA ALA B 257 3.83 8.41 10.60
C ALA B 257 4.61 8.71 11.86
N LEU B 258 4.04 8.29 12.99
CA LEU B 258 4.68 8.43 14.29
C LEU B 258 4.22 7.21 15.09
N ALA B 259 5.11 6.24 15.26
CA ALA B 259 4.67 4.92 15.67
C ALA B 259 5.47 4.35 16.82
N ASP B 260 4.82 3.44 17.56
CA ASP B 260 5.48 2.74 18.66
C ASP B 260 5.20 1.25 18.58
N SER B 261 5.96 0.46 19.32
CA SER B 261 5.83 -0.99 19.29
C SER B 261 4.68 -1.51 20.16
N ASP B 262 4.08 -0.65 20.96
CA ASP B 262 2.93 -1.04 21.79
C ASP B 262 1.65 -1.15 20.96
N THR B 263 0.80 -2.11 21.31
CA THR B 263 -0.46 -2.32 20.61
C THR B 263 -1.63 -1.92 21.51
N THR B 264 -2.58 -1.17 20.95
CA THR B 264 -3.64 -0.56 21.76
C THR B 264 -4.79 -0.08 20.90
N GLU B 265 -6.01 -0.47 21.27
CA GLU B 265 -7.21 -0.03 20.58
C GLU B 265 -7.35 1.48 20.71
N ALA B 266 -7.71 2.15 19.63
CA ALA B 266 -7.97 3.57 19.73
C ALA B 266 -9.27 3.79 20.52
N GLY B 267 -9.24 4.74 21.45
CA GLY B 267 -10.39 5.03 22.31
C GLY B 267 -10.44 4.22 23.58
N SER B 268 -9.69 3.11 23.62
CA SER B 268 -9.69 2.20 24.76
C SER B 268 -9.14 2.86 26.00
N ASP B 269 -9.18 2.13 27.12
CA ASP B 269 -8.66 2.63 28.38
C ASP B 269 -7.16 2.90 28.27
N GLN B 270 -6.43 1.90 27.79
CA GLN B 270 -5.00 2.01 27.53
C GLN B 270 -4.66 3.23 26.66
N ALA B 271 -5.44 3.43 25.61
CA ALA B 271 -5.28 4.58 24.72
C ALA B 271 -5.34 5.90 25.48
N LYS B 272 -6.38 6.08 26.29
CA LYS B 272 -6.59 7.32 27.03
C LYS B 272 -5.73 7.39 28.29
N GLY B 274 -2.11 6.60 28.87
CA GLY B 274 -0.88 7.33 28.65
C GLY B 274 -0.73 7.82 27.22
N ALA B 275 0.38 8.48 26.94
CA ALA B 275 0.66 8.95 25.60
C ALA B 275 1.49 7.88 24.88
N SER B 276 1.49 7.92 23.55
CA SER B 276 2.35 7.05 22.79
C SER B 276 3.78 7.20 23.29
N ARG B 277 4.51 6.08 23.34
CA ARG B 277 5.91 6.12 23.72
C ARG B 277 6.71 6.99 22.74
N ALA B 278 6.28 7.03 21.49
CA ALA B 278 6.96 7.81 20.46
C ALA B 278 6.87 9.30 20.79
N VAL B 279 5.75 9.71 21.38
CA VAL B 279 5.59 11.11 21.78
C VAL B 279 6.36 11.49 23.05
N SER B 280 6.35 10.61 24.04
CA SER B 280 6.80 10.96 25.39
C SER B 280 8.27 10.75 25.61
N GLU B 281 8.78 9.63 25.12
CA GLU B 281 10.13 9.16 25.43
C GLU B 281 11.20 10.16 25.05
N THR B 282 12.21 10.29 25.93
CA THR B 282 13.40 11.06 25.64
C THR B 282 14.64 10.20 25.86
N PHE B 283 15.79 10.65 25.35
CA PHE B 283 17.00 9.85 25.34
C PHE B 283 18.18 10.67 24.82
N GLU B 284 19.38 10.27 25.20
CA GLU B 284 20.58 10.84 24.63
C GLU B 284 20.71 10.31 23.19
N PRO B 285 20.98 11.21 22.24
CA PRO B 285 20.98 10.80 20.84
C PRO B 285 22.27 10.11 20.42
N GLY B 286 23.31 10.19 21.22
CA GLY B 286 24.58 9.59 20.87
C GLY B 286 25.16 10.17 19.59
N SER B 287 25.85 9.33 18.84
CA SER B 287 26.66 9.78 17.70
C SER B 287 25.89 10.55 16.61
N ILE B 288 24.58 10.34 16.53
CA ILE B 288 23.75 11.13 15.61
C ILE B 288 23.92 12.64 15.89
N GLY B 289 24.03 12.99 17.16
CA GLY B 289 24.30 14.37 17.55
C GLY B 289 25.52 15.04 16.90
N LYS B 290 26.51 14.24 16.51
CA LYS B 290 27.70 14.77 15.85
C LYS B 290 27.35 15.61 14.62
N VAL B 291 26.24 15.26 13.97
CA VAL B 291 25.78 16.01 12.81
C VAL B 291 25.54 17.48 13.15
N LEU B 292 24.98 17.71 14.34
CA LEU B 292 24.65 19.05 14.80
C LEU B 292 25.92 19.86 15.05
N ALA B 293 26.81 19.29 15.84
CA ALA B 293 28.08 19.94 16.17
C ALA B 293 28.90 20.25 14.91
N SER B 295 28.10 20.47 11.67
CA SER B 295 27.46 21.51 10.86
C SER B 295 27.88 22.91 11.32
N GLY B 296 28.04 23.07 12.63
CA GLY B 296 28.43 24.34 13.20
C GLY B 296 29.88 24.69 12.85
N LEU B 298 31.63 23.73 10.33
CA LEU B 298 31.61 24.16 8.94
C LEU B 298 31.08 25.58 8.81
N GLN B 299 29.93 25.83 9.43
CA GLN B 299 29.28 27.15 9.40
C GLN B 299 30.17 28.25 9.97
N LEU B 300 30.83 27.96 11.09
CA LEU B 300 31.68 28.93 11.78
C LEU B 300 33.03 29.07 11.10
N GLY B 301 33.37 28.10 10.26
CA GLY B 301 34.65 28.10 9.58
C GLY B 301 35.78 27.68 10.50
N LEU B 302 35.46 26.97 11.58
CA LEU B 302 36.48 26.45 12.47
C LEU B 302 37.30 25.38 11.74
N HIS B 303 36.61 24.58 10.94
CA HIS B 303 37.25 23.54 10.15
C HIS B 303 36.58 23.42 8.79
N LYS B 304 37.28 22.79 7.85
CA LYS B 304 36.70 22.45 6.57
C LYS B 304 36.34 20.97 6.55
N ILE B 305 35.43 20.58 5.67
CA ILE B 305 34.99 19.19 5.57
C ILE B 305 36.13 18.30 5.04
N ASP B 306 37.22 18.93 4.63
CA ASP B 306 38.41 18.26 4.10
C ASP B 306 39.43 17.87 5.16
N ASP B 307 39.52 18.67 6.22
CA ASP B 307 40.64 18.63 7.18
C ASP B 307 41.10 17.26 7.70
N LYS B 308 42.40 16.99 7.57
CA LYS B 308 43.00 15.73 7.99
C LYS B 308 43.29 15.69 9.49
N PHE B 309 43.21 14.50 10.09
CA PHE B 309 43.36 14.34 11.54
C PHE B 309 44.15 13.10 11.99
N THR B 310 44.54 13.09 13.27
CA THR B 310 45.19 11.93 13.89
C THR B 310 44.62 11.65 15.30
N VAL B 311 43.96 10.50 15.45
CA VAL B 311 43.31 10.10 16.72
C VAL B 311 43.64 8.63 16.99
N PRO B 312 43.41 8.11 18.22
CA PRO B 312 42.70 8.60 19.41
C PRO B 312 43.54 9.47 20.35
N ASN B 313 42.96 9.79 21.51
CA ASN B 313 43.52 10.75 22.45
C ASN B 313 42.72 10.80 23.76
N ASP B 324 36.66 7.10 22.16
CA ASP B 324 36.00 6.10 21.34
C ASP B 324 35.72 4.83 22.13
N ALA B 325 34.52 4.27 21.95
CA ALA B 325 34.12 3.05 22.65
C ALA B 325 34.63 1.80 21.93
N VAL B 326 35.56 2.01 21.00
CA VAL B 326 36.19 0.93 20.26
C VAL B 326 37.70 1.21 20.14
N ASP B 327 38.52 0.20 20.41
CA ASP B 327 39.97 0.35 20.37
C ASP B 327 40.51 0.34 18.94
N HIS B 328 41.49 1.20 18.66
CA HIS B 328 42.12 1.26 17.35
C HIS B 328 43.46 1.99 17.42
N GLY B 329 44.22 1.89 16.33
CA GLY B 329 45.51 2.57 16.24
C GLY B 329 45.32 4.03 15.87
N ASN B 330 46.43 4.72 15.65
CA ASN B 330 46.39 6.15 15.31
C ASN B 330 45.89 6.41 13.89
N GLU B 331 44.58 6.62 13.77
CA GLU B 331 43.93 6.67 12.47
C GLU B 331 44.05 8.02 11.75
N HIS B 332 43.98 7.96 10.42
CA HIS B 332 44.11 9.13 9.56
C HIS B 332 42.77 9.49 8.92
N TRP B 333 41.92 10.22 9.64
CA TRP B 333 40.60 10.55 9.12
C TRP B 333 40.42 12.02 8.77
N THR B 334 39.80 12.28 7.62
CA THR B 334 39.32 13.61 7.29
C THR B 334 38.11 13.94 8.16
N LEU B 335 37.63 15.19 8.11
CA LEU B 335 36.55 15.63 8.98
C LEU B 335 35.24 14.87 8.72
N ALA B 336 34.99 14.59 7.44
CA ALA B 336 33.88 13.77 7.03
C ALA B 336 34.03 12.38 7.66
N GLY B 337 35.23 11.84 7.55
CA GLY B 337 35.51 10.50 8.06
C GLY B 337 35.35 10.37 9.55
N ILE B 338 35.58 11.47 10.27
CA ILE B 338 35.36 11.49 11.71
C ILE B 338 33.87 11.22 12.01
N LEU B 339 32.98 11.73 11.16
CA LEU B 339 31.56 11.47 11.31
C LEU B 339 31.29 10.00 11.00
N GLU B 340 31.66 9.59 9.79
CA GLU B 340 31.44 8.24 9.29
C GLU B 340 31.93 7.16 10.25
N GLN B 341 32.97 7.49 10.99
CA GLN B 341 33.58 6.56 11.94
C GLN B 341 33.02 6.73 13.35
N SER B 342 32.11 7.68 13.53
CA SER B 342 31.54 7.98 14.85
C SER B 342 32.63 8.25 15.89
N SER B 343 33.62 9.05 15.50
CA SER B 343 34.80 9.28 16.34
C SER B 343 34.68 10.44 17.32
N ASN B 344 34.46 10.11 18.59
CA ASN B 344 34.38 11.11 19.65
C ASN B 344 35.68 11.89 19.78
N VAL B 345 36.79 11.16 19.78
CA VAL B 345 38.11 11.75 19.89
C VAL B 345 38.34 12.70 18.72
N GLY B 346 37.97 12.24 17.53
CA GLY B 346 38.06 13.06 16.34
C GLY B 346 37.23 14.33 16.45
N VAL B 348 36.38 15.85 19.54
CA VAL B 348 37.07 16.64 20.56
C VAL B 348 38.29 17.37 20.00
N ILE B 349 39.09 16.65 19.22
CA ILE B 349 40.28 17.21 18.60
C ILE B 349 39.89 18.28 17.57
N ALA B 350 38.79 18.05 16.87
CA ALA B 350 38.26 19.04 15.93
C ALA B 350 37.48 20.11 16.69
N GLY B 351 37.22 19.84 17.97
CA GLY B 351 36.45 20.75 18.80
C GLY B 351 37.19 21.29 20.01
N ASP B 352 38.31 21.96 19.80
CA ASP B 352 39.01 22.60 20.90
C ASP B 352 38.79 24.11 20.85
N LYS B 353 38.72 24.66 19.64
CA LYS B 353 38.43 26.07 19.44
C LYS B 353 37.00 26.44 19.86
N THR B 355 33.81 27.15 21.66
CA THR B 355 33.54 27.40 23.08
C THR B 355 32.17 26.93 23.48
N ASN B 356 31.89 27.03 24.77
CA ASN B 356 30.60 26.58 25.30
C ASN B 356 29.44 27.43 24.80
N GLU B 357 29.76 28.56 24.17
CA GLU B 357 28.75 29.40 23.54
C GLU B 357 28.37 28.91 22.15
N GLN B 358 29.38 28.66 21.33
CA GLN B 358 29.15 28.25 19.95
C GLN B 358 28.60 26.83 19.88
N ARG B 359 29.04 25.99 20.83
CA ARG B 359 28.51 24.64 20.97
C ARG B 359 27.03 24.73 21.23
N TYR B 360 26.67 25.55 22.22
CA TYR B 360 25.29 25.70 22.62
C TYR B 360 24.44 26.26 21.49
N ASN B 361 24.89 27.38 20.93
CA ASN B 361 24.23 28.01 19.80
C ASN B 361 23.83 27.02 18.71
N PHE B 362 24.72 26.08 18.41
CA PHE B 362 24.50 25.19 17.29
C PHE B 362 23.79 23.88 17.63
N ILE B 363 23.64 23.57 18.91
CA ILE B 363 22.78 22.45 19.29
C ILE B 363 21.37 22.98 19.45
N SER B 364 21.27 24.13 20.11
CA SER B 364 19.99 24.78 20.35
C SER B 364 19.31 25.18 19.04
N LYS B 365 20.07 25.79 18.13
CA LYS B 365 19.49 26.30 16.88
C LYS B 365 18.87 25.19 16.03
N PHE B 366 19.35 23.96 16.20
CA PHE B 366 18.74 22.83 15.51
C PHE B 366 17.40 22.43 16.14
N GLY B 367 17.09 23.01 17.29
CA GLY B 367 15.79 22.78 17.92
C GLY B 367 15.83 21.95 19.19
N ILE B 368 17.03 21.52 19.57
CA ILE B 368 17.20 20.72 20.77
C ILE B 368 16.92 21.56 22.02
N GLY B 369 16.20 20.97 22.97
CA GLY B 369 15.87 21.63 24.22
C GLY B 369 14.60 22.45 24.16
N GLN B 370 13.95 22.48 23.00
CA GLN B 370 12.77 23.30 22.80
C GLN B 370 11.59 22.46 22.31
N ALA B 371 10.38 22.82 22.73
CA ALA B 371 9.19 22.13 22.28
C ALA B 371 9.13 22.17 20.75
N THR B 372 8.58 21.12 20.16
CA THR B 372 8.39 21.08 18.72
C THR B 372 7.38 22.13 18.31
N GLY B 373 6.47 22.44 19.23
CA GLY B 373 5.35 23.31 18.92
C GLY B 373 4.15 22.47 18.50
N LEU B 374 4.36 21.17 18.30
CA LEU B 374 3.29 20.26 17.91
C LEU B 374 2.17 20.21 18.95
N ASN B 375 2.53 20.49 20.20
CA ASN B 375 1.57 20.53 21.31
C ASN B 375 0.87 19.19 21.58
N LEU B 376 1.60 18.10 21.39
CA LEU B 376 1.08 16.78 21.70
C LEU B 376 1.09 16.56 23.21
N PRO B 377 -0.01 16.03 23.77
CA PRO B 377 -0.08 15.64 25.18
C PRO B 377 1.01 14.63 25.52
N GLY B 378 1.73 14.85 26.62
CA GLY B 378 2.77 13.93 27.05
C GLY B 378 4.14 14.19 26.45
N GLU B 379 4.20 15.15 25.52
CA GLU B 379 5.44 15.51 24.87
C GLU B 379 6.35 16.34 25.80
N SER B 380 7.64 16.03 25.78
CA SER B 380 8.62 16.79 26.57
C SER B 380 9.42 17.77 25.71
N GLU B 381 10.08 18.70 26.38
CA GLU B 381 10.96 19.66 25.71
C GLU B 381 12.38 19.12 25.57
N GLY B 382 12.64 17.97 26.21
CA GLY B 382 13.99 17.43 26.25
C GLY B 382 14.83 18.26 27.20
N VAL B 383 16.12 17.95 27.30
CA VAL B 383 17.01 18.71 28.16
C VAL B 383 18.29 19.14 27.45
N LEU B 384 18.52 20.44 27.41
CA LEU B 384 19.81 20.99 27.01
C LEU B 384 20.20 22.03 28.04
N HIS B 385 21.27 21.76 28.79
CA HIS B 385 21.69 22.66 29.89
C HIS B 385 22.41 23.91 29.40
N PRO B 386 22.19 25.04 30.10
CA PRO B 386 22.87 26.30 29.77
C PRO B 386 24.39 26.12 29.68
N SER B 387 25.02 26.92 28.83
CA SER B 387 26.46 26.81 28.55
C SER B 387 27.32 26.78 29.82
N ASP B 388 27.25 27.83 30.62
CA ASP B 388 28.11 27.97 31.79
C ASP B 388 27.76 26.99 32.92
N SER B 389 26.70 26.22 32.73
CA SER B 389 26.29 25.23 33.72
C SER B 389 27.13 23.96 33.55
N TRP B 390 27.96 23.95 32.51
CA TRP B 390 28.73 22.77 32.15
C TRP B 390 30.06 22.72 32.88
N ASP B 391 30.57 21.52 33.15
CA ASP B 391 31.90 21.37 33.72
C ASP B 391 32.93 20.99 32.66
N ARG B 392 33.84 20.08 33.01
CA ARG B 392 34.94 19.71 32.11
C ARG B 392 34.59 18.53 31.21
N ARG B 393 33.98 17.50 31.79
CA ARG B 393 33.51 16.38 30.98
C ARG B 393 32.28 16.82 30.20
N THR B 394 31.25 17.26 30.94
CA THR B 394 29.95 17.58 30.37
C THR B 394 29.96 18.74 29.36
N ARG B 395 31.13 19.34 29.17
CA ARG B 395 31.30 20.35 28.12
C ARG B 395 31.81 19.68 26.85
N ASN B 396 32.26 18.44 26.98
CA ASN B 396 32.81 17.69 25.87
C ASN B 396 31.83 16.65 25.29
N THR B 397 31.07 16.02 26.18
CA THR B 397 30.13 14.98 25.79
C THR B 397 29.04 15.49 24.84
N VAL B 398 28.69 16.77 24.95
CA VAL B 398 27.64 17.38 24.13
C VAL B 398 28.08 17.53 22.67
N LEU B 399 29.37 17.37 22.43
CA LEU B 399 29.91 17.44 21.08
C LEU B 399 29.53 16.18 20.30
N PHE B 400 29.23 15.10 21.02
CA PHE B 400 28.84 13.87 20.36
C PHE B 400 27.57 13.20 20.92
N GLY B 401 26.61 14.03 21.32
CA GLY B 401 25.29 13.53 21.65
C GLY B 401 25.10 12.93 23.03
N GLN B 402 25.94 13.31 23.98
CA GLN B 402 25.72 12.94 25.38
C GLN B 402 25.56 14.21 26.21
N GLY B 403 24.93 14.08 27.37
CA GLY B 403 24.76 15.21 28.26
C GLY B 403 23.52 16.03 27.92
N TYR B 404 22.79 15.60 26.90
CA TYR B 404 21.51 16.20 26.54
C TYR B 404 20.54 15.17 25.98
N THR B 405 19.24 15.43 26.10
CA THR B 405 18.23 14.44 25.73
C THR B 405 17.19 14.97 24.73
N VAL B 406 16.69 14.07 23.89
CA VAL B 406 15.77 14.44 22.81
C VAL B 406 14.63 13.45 22.73
N ASN B 407 13.49 13.88 22.18
CA ASN B 407 12.50 12.92 21.75
C ASN B 407 12.69 12.70 20.26
N VAL B 408 11.91 11.79 19.68
CA VAL B 408 12.17 11.39 18.31
C VAL B 408 11.78 12.52 17.35
N GLN B 410 12.20 15.77 17.84
CA GLN B 410 13.30 16.74 17.83
C GLN B 410 14.48 16.24 17.00
N LEU B 411 14.85 14.99 17.23
CA LEU B 411 15.95 14.38 16.51
C LEU B 411 15.67 14.43 15.03
N THR B 412 14.47 14.00 14.67
CA THR B 412 14.05 13.98 13.29
C THR B 412 14.07 15.36 12.65
N ASN B 413 13.55 16.36 13.35
CA ASN B 413 13.54 17.70 12.79
C ASN B 413 14.95 18.25 12.59
N ALA B 414 15.84 17.91 13.52
CA ALA B 414 17.21 18.39 13.45
C ALA B 414 17.88 17.79 12.21
N ILE B 415 17.72 16.49 12.02
CA ILE B 415 18.27 15.83 10.85
C ILE B 415 17.65 16.41 9.57
N SER B 416 16.37 16.79 9.63
CA SER B 416 15.68 17.33 8.45
C SER B 416 16.33 18.63 7.95
N VAL B 417 16.95 19.38 8.85
CA VAL B 417 17.68 20.60 8.47
C VAL B 417 18.69 20.30 7.37
N ILE B 418 19.52 19.29 7.60
CA ILE B 418 20.50 18.84 6.63
C ILE B 418 19.85 18.46 5.30
N ALA B 419 18.64 17.92 5.37
CA ALA B 419 17.96 17.45 4.18
C ALA B 419 17.25 18.57 3.45
N ASN B 420 16.94 19.65 4.17
CA ASN B 420 16.15 20.73 3.60
C ASN B 420 16.98 22.00 3.38
N LYS B 421 18.15 21.83 2.78
CA LYS B 421 19.01 22.95 2.39
C LYS B 421 19.33 23.91 3.54
N GLY B 422 19.43 23.37 4.75
CA GLY B 422 19.86 24.15 5.91
C GLY B 422 18.76 24.85 6.69
N VAL B 423 17.52 24.72 6.21
CA VAL B 423 16.39 25.39 6.83
C VAL B 423 15.63 24.48 7.81
N LYS B 424 15.33 24.99 8.99
CA LYS B 424 14.49 24.26 9.93
C LYS B 424 13.06 24.76 9.85
N LYS B 425 12.18 23.93 9.30
CA LYS B 425 10.76 24.26 9.24
C LYS B 425 10.07 23.69 10.48
N PRO B 426 9.00 24.34 10.92
CA PRO B 426 8.21 23.78 12.04
C PRO B 426 7.50 22.52 11.57
N GLN B 427 7.33 21.57 12.47
CA GLN B 427 6.69 20.31 12.11
C GLN B 427 5.18 20.43 12.19
N ARG B 428 4.49 19.65 11.36
CA ARG B 428 3.04 19.70 11.36
C ARG B 428 2.41 18.32 11.43
N ILE B 429 1.43 18.17 12.30
CA ILE B 429 0.64 16.96 12.32
C ILE B 429 -0.83 17.27 11.96
N ILE B 430 -1.23 18.53 12.03
CA ILE B 430 -2.58 18.94 11.60
C ILE B 430 -2.57 19.60 10.21
N LYS B 431 -3.07 18.89 9.20
CA LYS B 431 -3.01 19.37 7.81
C LYS B 431 -3.97 20.53 7.52
N SER B 432 -5.26 20.31 7.80
CA SER B 432 -6.29 21.28 7.45
C SER B 432 -7.57 21.07 8.26
N ILE B 433 -8.41 22.11 8.28
CA ILE B 433 -9.68 22.07 8.99
C ILE B 433 -10.85 22.37 8.04
N THR B 434 -11.78 21.42 7.95
CA THR B 434 -12.95 21.57 7.09
C THR B 434 -14.18 21.98 7.89
N ASP B 435 -14.78 23.13 7.55
CA ASP B 435 -15.94 23.65 8.29
C ASP B 435 -17.29 23.08 7.84
N THR B 436 -18.34 23.48 8.55
CA THR B 436 -19.71 23.06 8.21
C THR B 436 -20.14 23.68 6.89
N ALA B 437 -19.58 24.84 6.57
CA ALA B 437 -19.80 25.49 5.28
C ALA B 437 -19.30 24.59 4.15
N GLY B 438 -18.14 23.96 4.35
CA GLY B 438 -17.57 23.04 3.39
C GLY B 438 -16.19 23.43 2.94
N HIS B 439 -15.70 24.57 3.44
CA HIS B 439 -14.42 25.12 3.00
C HIS B 439 -13.25 24.44 3.69
N VAL B 440 -12.22 24.14 2.91
CA VAL B 440 -11.01 23.51 3.43
C VAL B 440 -9.92 24.55 3.69
N GLU B 441 -9.74 24.90 4.97
CA GLU B 441 -8.68 25.81 5.36
C GLU B 441 -7.41 25.03 5.71
N GLU B 442 -6.43 25.09 4.82
CA GLU B 442 -5.13 24.47 5.05
C GLU B 442 -4.50 25.06 6.31
N GLN B 443 -4.01 24.20 7.20
CA GLN B 443 -3.44 24.67 8.45
C GLN B 443 -1.93 24.90 8.40
N GLN B 444 -1.50 25.93 9.11
CA GLN B 444 -0.08 26.24 9.20
C GLN B 444 0.39 26.19 10.65
N SER B 445 1.43 25.40 10.89
CA SER B 445 2.06 25.33 12.20
C SER B 445 2.60 26.70 12.61
N LYS B 446 2.36 27.07 13.87
CA LYS B 446 2.83 28.35 14.40
C LYS B 446 4.36 28.37 14.44
N GLY B 447 4.95 29.52 14.13
CA GLY B 447 6.38 29.65 14.09
C GLY B 447 6.92 29.85 12.69
N GLU B 448 8.19 30.21 12.59
CA GLU B 448 8.80 30.49 11.30
C GLU B 448 9.82 29.44 10.89
N ALA B 449 10.00 29.29 9.57
CA ALA B 449 11.15 28.59 9.05
C ALA B 449 12.35 29.47 9.38
N THR B 450 13.40 28.86 9.89
CA THR B 450 14.60 29.60 10.22
C THR B 450 15.81 28.90 9.63
N ARG B 451 16.74 29.67 9.08
CA ARG B 451 17.98 29.11 8.56
C ARG B 451 18.92 28.78 9.71
N VAL B 452 19.39 27.54 9.74
CA VAL B 452 20.30 27.07 10.79
C VAL B 452 21.73 27.07 10.27
N ILE B 453 21.89 26.76 9.00
CA ILE B 453 23.20 26.68 8.37
C ILE B 453 23.08 27.04 6.89
N ASP B 454 24.21 27.37 6.27
CA ASP B 454 24.21 27.78 4.88
C ASP B 454 23.93 26.60 3.96
N GLU B 455 23.16 26.87 2.92
CA GLU B 455 22.78 25.90 1.89
C GLU B 455 23.94 25.06 1.39
N SER B 456 25.13 25.66 1.36
CA SER B 456 26.32 24.96 0.91
C SER B 456 26.82 23.99 1.98
N VAL B 457 26.76 24.42 3.24
CA VAL B 457 27.18 23.58 4.36
C VAL B 457 26.24 22.38 4.51
N ALA B 458 24.94 22.65 4.40
CA ALA B 458 23.93 21.58 4.41
C ALA B 458 24.24 20.54 3.33
N SER B 459 24.70 21.01 2.18
CA SER B 459 25.06 20.14 1.07
C SER B 459 26.25 19.25 1.43
N GLN B 460 27.19 19.82 2.18
CA GLN B 460 28.40 19.11 2.55
C GLN B 460 28.15 18.07 3.65
N LEU B 462 25.28 16.50 4.15
CA LEU B 462 24.53 15.44 3.50
C LEU B 462 25.49 14.48 2.83
N ASN B 463 26.55 15.06 2.28
CA ASN B 463 27.61 14.29 1.64
C ASN B 463 28.31 13.35 2.61
N ALA B 464 28.70 13.89 3.76
CA ALA B 464 29.38 13.10 4.78
C ALA B 464 28.44 12.02 5.36
N GLU B 466 26.08 10.55 3.77
CA GLU B 466 25.96 9.51 2.74
C GLU B 466 27.11 8.51 2.86
N SER B 467 28.28 8.98 3.25
CA SER B 467 29.42 8.12 3.48
C SER B 467 29.24 7.35 4.78
N SER B 468 28.65 8.02 5.77
CA SER B 468 28.35 7.37 7.05
C SER B 468 27.37 6.22 6.84
N ALA B 469 26.41 6.42 5.95
CA ALA B 469 25.46 5.37 5.57
C ALA B 469 26.15 4.19 4.87
N GLU B 470 27.00 4.50 3.89
CA GLU B 470 27.71 3.47 3.13
C GLU B 470 28.52 2.55 4.04
N HIS B 471 28.99 3.10 5.15
CA HIS B 471 29.76 2.33 6.12
C HIS B 471 28.98 1.10 6.61
N TYR B 472 27.65 1.12 6.48
CA TYR B 472 26.83 0.03 6.97
C TYR B 472 26.08 -0.69 5.85
N ASN B 473 26.43 -0.40 4.59
CA ASN B 473 25.63 -0.90 3.47
C ASN B 473 25.61 -2.41 3.22
N THR B 474 26.31 -3.16 4.05
CA THR B 474 26.26 -4.62 3.92
C THR B 474 25.03 -5.19 4.61
N PHE B 475 24.42 -4.41 5.50
CA PHE B 475 23.22 -4.87 6.18
C PHE B 475 22.13 -3.78 6.27
N VAL B 476 22.50 -2.53 6.01
CA VAL B 476 21.51 -1.46 5.89
C VAL B 476 21.42 -0.95 4.46
N LYS B 477 20.38 -1.35 3.73
CA LYS B 477 20.29 -0.99 2.31
C LYS B 477 18.87 -1.00 1.78
N VAL B 478 18.62 -0.10 0.84
CA VAL B 478 17.38 -0.05 0.09
C VAL B 478 17.76 -0.09 -1.39
N ASP B 479 17.63 -1.27 -1.99
CA ASP B 479 18.06 -1.51 -3.36
C ASP B 479 17.60 -0.44 -4.34
N GLY B 480 18.54 0.35 -4.85
CA GLY B 480 18.25 1.35 -5.85
C GLY B 480 18.26 2.80 -5.38
N TYR B 481 18.55 3.01 -4.09
CA TYR B 481 18.51 4.36 -3.53
C TYR B 481 19.69 4.64 -2.62
N ARG B 482 20.22 5.86 -2.73
CA ARG B 482 21.28 6.32 -1.86
C ARG B 482 20.71 6.87 -0.56
N ALA B 484 21.53 8.94 3.12
CA ALA B 484 22.40 9.74 3.98
C ALA B 484 21.89 9.50 5.39
N ALA B 485 22.71 8.88 6.22
CA ALA B 485 22.22 8.43 7.51
C ALA B 485 23.26 8.54 8.61
N LYS B 486 22.81 8.43 9.84
CA LYS B 486 23.70 8.33 10.97
C LYS B 486 23.16 7.36 11.98
N SER B 487 24.04 6.53 12.53
CA SER B 487 23.64 5.64 13.59
C SER B 487 24.14 6.25 14.88
N GLY B 488 23.58 5.79 15.99
CA GLY B 488 24.08 6.20 17.28
C GLY B 488 23.68 5.15 18.28
N THR B 489 24.30 5.22 19.45
CA THR B 489 23.96 4.34 20.56
C THR B 489 24.18 5.15 21.82
N ALA B 490 23.40 4.85 22.86
CA ALA B 490 23.54 5.59 24.10
C ALA B 490 23.07 4.75 25.28
N GLU B 491 23.85 4.80 26.37
CA GLU B 491 23.43 4.25 27.66
C GLU B 491 22.25 5.04 28.19
N VAL B 492 21.25 4.35 28.73
CA VAL B 492 20.10 5.01 29.34
C VAL B 492 19.70 4.35 30.65
N ALA B 493 18.59 4.81 31.21
CA ALA B 493 18.07 4.27 32.46
C ALA B 493 17.79 2.79 32.30
N GLY B 494 18.62 1.96 32.95
CA GLY B 494 18.47 0.52 32.89
C GLY B 494 17.06 0.06 33.25
N ALA B 495 16.51 -0.84 32.45
CA ALA B 495 15.19 -1.38 32.73
C ALA B 495 15.14 -2.87 32.45
N ASN B 496 14.12 -3.54 32.97
CA ASN B 496 13.97 -4.99 32.83
C ASN B 496 15.16 -5.80 33.35
N GLY B 497 15.69 -5.42 34.51
CA GLY B 497 16.76 -6.17 35.14
C GLY B 497 18.13 -5.88 34.55
N GLN B 498 18.19 -4.96 33.60
CA GLN B 498 19.46 -4.53 33.02
C GLN B 498 20.09 -3.46 33.89
N LEU B 499 21.30 -3.69 34.37
CA LEU B 499 22.01 -2.67 35.12
C LEU B 499 22.16 -1.42 34.26
N THR B 500 22.62 -1.61 33.03
CA THR B 500 22.70 -0.53 32.06
C THR B 500 21.88 -0.93 30.84
N SER B 501 21.12 0.02 30.31
CA SER B 501 20.39 -0.21 29.08
C SER B 501 20.99 0.63 27.98
N ILE B 502 20.79 0.20 26.74
CA ILE B 502 21.17 1.01 25.59
C ILE B 502 19.98 1.28 24.69
N ILE B 503 19.99 2.46 24.07
CA ILE B 503 19.07 2.70 22.96
C ILE B 503 19.90 2.71 21.69
N SER B 504 19.34 2.11 20.65
CA SER B 504 19.95 2.10 19.33
C SER B 504 19.12 3.06 18.49
N ASP B 505 19.74 4.09 17.93
CA ASP B 505 18.99 5.00 17.08
C ASP B 505 19.62 5.10 15.69
N TYR B 506 18.81 5.45 14.71
CA TYR B 506 19.28 5.55 13.33
C TYR B 506 18.36 6.55 12.66
N SER B 507 18.94 7.47 11.89
CA SER B 507 18.13 8.48 11.24
C SER B 507 18.58 8.63 9.81
N THR B 508 17.65 8.44 8.87
CA THR B 508 17.97 8.37 7.45
C THR B 508 17.25 9.44 6.63
N ILE B 509 18.01 10.09 5.75
CA ILE B 509 17.46 10.97 4.73
C ILE B 509 17.45 10.19 3.42
N ILE B 510 16.30 10.14 2.74
CA ILE B 510 16.16 9.28 1.57
C ILE B 510 15.23 9.85 0.48
N PRO B 511 15.67 9.78 -0.80
CA PRO B 511 17.02 9.42 -1.25
C PRO B 511 17.98 10.57 -1.03
N ALA B 512 19.27 10.29 -0.91
CA ALA B 512 20.27 11.32 -0.65
C ALA B 512 20.39 12.34 -1.79
N ASP B 513 20.19 11.88 -3.03
CA ASP B 513 20.36 12.74 -4.20
C ASP B 513 19.19 13.70 -4.40
N ASN B 514 18.00 13.29 -3.99
CA ASN B 514 16.86 14.20 -3.96
C ASN B 514 15.99 13.95 -2.73
N PRO B 515 16.44 14.45 -1.55
CA PRO B 515 15.81 14.24 -0.24
C PRO B 515 14.29 14.35 -0.25
N ARG B 516 13.62 13.29 0.15
CA ARG B 516 12.16 13.29 0.21
CA ARG B 516 12.16 13.31 0.22
C ARG B 516 11.65 13.04 1.63
N PHE B 517 12.22 12.04 2.29
CA PHE B 517 11.80 11.70 3.65
C PHE B 517 12.96 11.62 4.62
N VAL B 518 12.66 11.90 5.89
CA VAL B 518 13.53 11.54 6.98
C VAL B 518 12.84 10.43 7.78
N ILE B 519 13.58 9.36 8.04
CA ILE B 519 13.07 8.23 8.82
C ILE B 519 13.95 8.08 10.03
N THR B 520 13.34 8.02 11.19
CA THR B 520 14.11 7.82 12.42
C THR B 520 13.53 6.67 13.21
N VAL B 521 14.39 5.77 13.64
CA VAL B 521 13.98 4.64 14.46
C VAL B 521 14.82 4.63 15.74
N VAL B 522 14.16 4.35 16.86
CA VAL B 522 14.84 4.24 18.14
C VAL B 522 14.37 2.93 18.80
N LEU B 523 15.33 2.09 19.18
CA LEU B 523 15.02 0.82 19.81
C LEU B 523 15.75 0.76 21.14
N LYS B 524 15.09 0.24 22.16
CA LYS B 524 15.71 0.07 23.47
C LYS B 524 16.10 -1.39 23.69
N ASP B 525 17.35 -1.59 24.14
CA ASP B 525 17.95 -2.92 24.31
C ASP B 525 17.53 -3.95 23.25
N PRO B 526 17.92 -3.72 21.99
CA PRO B 526 17.69 -4.74 20.97
C PRO B 526 18.70 -5.87 21.14
N GLN B 527 18.34 -7.08 20.71
CA GLN B 527 19.27 -8.21 20.75
C GLN B 527 19.55 -8.69 19.33
N GLY B 528 20.48 -9.64 19.21
CA GLY B 528 20.74 -10.24 17.93
C GLY B 528 21.98 -9.74 17.24
N SER B 529 22.04 -10.00 15.94
CA SER B 529 23.30 -9.92 15.19
C SER B 529 23.77 -8.51 14.94
N PHE B 530 22.87 -7.54 15.05
CA PHE B 530 23.20 -6.16 14.68
C PHE B 530 23.56 -5.29 15.89
N GLY B 531 23.26 -5.76 17.09
CA GLY B 531 23.57 -5.04 18.30
C GLY B 531 23.00 -3.63 18.35
N GLY B 532 23.87 -2.65 18.60
CA GLY B 532 23.47 -1.26 18.69
C GLY B 532 23.20 -0.60 17.35
N LEU B 533 23.32 -1.38 16.27
CA LEU B 533 23.02 -0.88 14.94
C LEU B 533 21.72 -1.47 14.39
N THR B 534 20.95 -2.09 15.28
CA THR B 534 19.72 -2.77 14.90
C THR B 534 18.66 -1.83 14.36
N ALA B 535 18.67 -0.58 14.80
CA ALA B 535 17.74 0.42 14.30
C ALA B 535 17.96 0.69 12.80
N GLY B 536 19.18 0.48 12.32
CA GLY B 536 19.50 0.68 10.91
C GLY B 536 18.65 -0.12 9.92
N PRO B 537 18.70 -1.46 10.00
CA PRO B 537 17.90 -2.30 9.10
C PRO B 537 16.41 -2.01 9.21
N VAL B 538 15.95 -1.65 10.40
CA VAL B 538 14.55 -1.24 10.57
C VAL B 538 14.19 -0.02 9.73
N THR B 539 15.03 1.01 9.77
CA THR B 539 14.77 2.20 8.97
C THR B 539 14.75 1.85 7.49
N ALA B 540 15.59 0.91 7.08
CA ALA B 540 15.66 0.51 5.68
C ALA B 540 14.38 -0.24 5.23
N GLU B 541 13.76 -1.01 6.12
CA GLU B 541 12.49 -1.66 5.80
C GLU B 541 11.41 -0.61 5.52
N ILE B 542 11.39 0.43 6.34
CA ILE B 542 10.45 1.53 6.14
C ILE B 542 10.79 2.33 4.86
N GLY B 543 12.07 2.63 4.66
CA GLY B 543 12.53 3.29 3.45
C GLY B 543 12.18 2.54 2.18
N GLU B 544 12.38 1.22 2.18
CA GLU B 544 12.07 0.40 1.01
C GLU B 544 10.61 0.59 0.63
N PHE B 545 9.74 0.54 1.64
CA PHE B 545 8.30 0.69 1.48
C PHE B 545 7.88 2.06 0.92
N LEU B 546 8.53 3.11 1.40
CA LEU B 546 8.17 4.47 1.04
C LEU B 546 8.59 4.79 -0.40
N GLN B 548 8.62 2.74 -2.83
CA GLN B 548 7.68 2.07 -3.73
CA GLN B 548 7.66 2.05 -3.68
C GLN B 548 6.34 2.80 -3.70
N LYS B 549 5.83 3.07 -2.50
CA LYS B 549 4.54 3.70 -2.34
C LYS B 549 4.45 5.04 -3.05
N TYR B 550 5.52 5.82 -2.99
CA TYR B 550 5.54 7.15 -3.59
C TYR B 550 6.26 7.18 -4.93
N GLU B 551 6.41 6.02 -5.55
CA GLU B 551 7.03 5.90 -6.87
C GLU B 551 8.25 6.80 -7.03
N VAL B 552 9.12 6.80 -6.03
CA VAL B 552 10.29 7.65 -6.05
C VAL B 552 11.29 7.12 -7.06
N PRO B 553 11.67 7.97 -8.04
CA PRO B 553 12.68 7.63 -9.04
C PRO B 553 13.98 7.17 -8.40
N ALA B 554 14.55 6.08 -8.90
CA ALA B 554 15.79 5.53 -8.35
C ALA B 554 16.92 6.55 -8.41
N SER B 555 17.92 6.34 -7.57
CA SER B 555 19.00 7.32 -7.44
C SER B 555 19.96 7.29 -8.63
N SER B 556 20.67 8.40 -8.81
CA SER B 556 21.75 8.49 -9.79
C SER B 556 23.04 8.05 -9.09
N PRO B 557 24.09 7.71 -9.87
CA PRO B 557 25.36 7.32 -9.24
C PRO B 557 25.98 8.44 -8.42
N ARG B 558 26.88 8.07 -7.51
CA ARG B 558 27.51 9.02 -6.60
C ARG B 558 28.96 9.31 -7.00
N THR B 559 29.34 10.58 -6.93
CA THR B 559 30.67 10.99 -7.40
C THR B 559 31.32 12.09 -6.56
N ASP B 560 30.54 12.79 -5.75
CA ASP B 560 31.06 13.93 -4.99
C ASP B 560 31.65 13.52 -3.64
N ALA B 561 31.90 12.22 -3.48
CA ALA B 561 32.30 11.66 -2.20
C ALA B 561 33.50 12.34 -1.55
N ILE B 562 33.24 13.27 -0.64
CA ILE B 562 34.32 13.87 0.13
C ILE B 562 35.02 12.78 0.95
N PRO B 563 36.33 12.65 0.77
CA PRO B 563 37.15 11.58 1.36
C PRO B 563 37.03 11.48 2.88
N VAL B 564 37.10 10.25 3.38
CA VAL B 564 36.91 9.98 4.79
C VAL B 564 38.23 9.70 5.49
N ASN B 565 39.27 9.47 4.68
CA ASN B 565 40.60 9.14 5.20
C ASN B 565 41.71 9.78 4.38
N TRP B 566 42.86 10.00 5.02
CA TRP B 566 44.00 10.62 4.34
C TRP B 566 45.27 9.78 4.48
#